data_2ICX
#
_entry.id   2ICX
#
_cell.length_a   187.683
_cell.length_b   59.679
_cell.length_c   89.813
_cell.angle_alpha   90.000
_cell.angle_beta   100.380
_cell.angle_gamma   90.000
#
_symmetry.space_group_name_H-M   'C 1 2 1'
#
loop_
_entity.id
_entity.type
_entity.pdbx_description
1 polymer 'Probable UTP-glucose-1-phosphate uridylyltransferase 2'
2 non-polymer 'DIMETHYL SULFOXIDE'
3 non-polymer "URIDINE 5'-TRIPHOSPHATE"
4 water water
#
_entity_poly.entity_id   1
_entity_poly.type   'polypeptide(L)'
_entity_poly.pdbx_seq_one_letter_code
;SAATTENLPQLKSAVDGLTEMSESEKSGFISLVSRYLSGEAQHIEWSKIQTPTDEIVVPYEKMTPVSQDVAETKNLLDKL
VVLKLNGGLGTTMGCTGPKSVIEVRDGLTFLDLIVIQIENLNNKYGCKVPLVLMNSFNTHDDTHKIVEKYTNSNVDIHTF
NQSKYPRVVADEFVPWPSKGKTDKEGWYPPGHGDVFPALMNSGKLDTFLSQGKEYVFVANSDNLGAIVDLTILKHLIQNK
NEYCMEVTPKTLADVKGGTLISYEGKVQLLEIAQVPDEHVNEFKSIEKFKIFNTNNLWVNLKAIKKLVEADALKMEIIPN
PKEVDGVKVLQLETAAGAAIRFFDNAIGVNVPRSRFLPVKASSDLLLVQSDLYTLVDGFVTRNKARTNPSNPSIELGPEF
KKVATFLSRFKSIPSIVELDSLKVSGDVWFGSSIVLKGKVTVAAKSGVKLEIPDRAVVENKNINGPEDL
;
_entity_poly.pdbx_strand_id   A,B
#
loop_
_chem_comp.id
_chem_comp.type
_chem_comp.name
_chem_comp.formula
DMS non-polymer 'DIMETHYL SULFOXIDE' 'C2 H6 O S'
UTP non-polymer 'URIDINE 5'-TRIPHOSPHATE' 'C9 H15 N2 O15 P3'
#
# COMPACT_ATOMS: atom_id res chain seq x y z
N LEU A 8 -1.05 5.01 23.83
CA LEU A 8 -0.48 6.35 23.47
C LEU A 8 0.79 6.76 24.25
N PRO A 9 0.84 6.49 25.58
CA PRO A 9 2.07 6.82 26.32
C PRO A 9 3.33 6.10 25.80
N GLN A 10 3.14 4.89 25.26
CA GLN A 10 4.25 4.10 24.73
C GLN A 10 4.69 4.65 23.40
N LEU A 11 3.71 5.11 22.61
CA LEU A 11 3.97 5.70 21.31
C LEU A 11 4.72 7.00 21.50
N LYS A 12 4.33 7.79 22.51
CA LYS A 12 5.04 9.05 22.77
C LYS A 12 6.50 8.81 23.18
N SER A 13 6.72 7.82 24.04
CA SER A 13 8.06 7.48 24.49
C SER A 13 8.92 7.06 23.32
N ALA A 14 8.35 6.21 22.48
CA ALA A 14 9.00 5.76 21.25
C ALA A 14 9.43 6.94 20.37
N VAL A 15 8.50 7.86 20.14
CA VAL A 15 8.74 9.08 19.36
C VAL A 15 9.80 9.98 20.03
N ASP A 16 9.70 10.16 21.34
CA ASP A 16 10.72 10.92 22.07
C ASP A 16 12.11 10.25 22.00
N GLY A 17 12.13 8.95 21.70
CA GLY A 17 13.37 8.22 21.49
C GLY A 17 14.00 8.53 20.14
N LEU A 18 13.25 9.20 19.25
CA LEU A 18 13.71 9.53 17.88
C LEU A 18 14.30 10.92 17.89
N THR A 19 15.59 10.96 18.19
CA THR A 19 16.28 12.19 18.52
C THR A 19 16.43 13.08 17.29
N GLU A 20 16.27 12.50 16.11
CA GLU A 20 16.24 13.25 14.86
C GLU A 20 15.00 14.16 14.74
N MET A 21 13.89 13.81 15.38
CA MET A 21 12.68 14.65 15.38
C MET A 21 12.76 15.90 16.26
N SER A 22 12.25 17.00 15.72
CA SER A 22 12.14 18.28 16.43
C SER A 22 11.02 18.14 17.44
N GLU A 23 11.06 18.97 18.48
CA GLU A 23 10.02 18.94 19.51
C GLU A 23 8.61 19.21 18.92
N SER A 24 8.50 20.18 18.00
CA SER A 24 7.19 20.46 17.38
C SER A 24 6.74 19.36 16.39
N GLU A 25 7.68 18.70 15.71
CA GLU A 25 7.32 17.51 14.92
C GLU A 25 6.77 16.39 15.80
N LYS A 26 7.47 16.06 16.89
CA LYS A 26 6.94 15.06 17.84
C LYS A 26 5.53 15.36 18.34
N SER A 27 5.27 16.62 18.73
CA SER A 27 3.93 16.92 19.27
C SER A 27 2.89 16.87 18.16
N GLY A 28 3.27 17.33 16.98
CA GLY A 28 2.39 17.36 15.81
C GLY A 28 2.02 15.97 15.40
N PHE A 29 2.99 15.04 15.40
CA PHE A 29 2.74 13.66 15.04
C PHE A 29 1.86 12.94 16.05
N ILE A 30 2.16 13.08 17.34
CA ILE A 30 1.36 12.44 18.41
C ILE A 30 -0.08 12.94 18.37
N SER A 31 -0.23 14.19 17.97
CA SER A 31 -1.56 14.77 17.90
C SER A 31 -2.35 14.08 16.78
N LEU A 32 -1.73 13.80 15.63
CA LEU A 32 -2.44 13.08 14.54
C LEU A 32 -2.75 11.66 14.96
N VAL A 33 -1.77 11.01 15.57
CA VAL A 33 -1.93 9.63 16.04
C VAL A 33 -3.06 9.56 17.05
N SER A 34 -3.01 10.42 18.07
CA SER A 34 -4.10 10.48 19.08
C SER A 34 -5.48 10.59 18.44
N ARG A 35 -5.66 11.56 17.54
CA ARG A 35 -6.92 11.78 16.83
C ARG A 35 -7.36 10.58 16.02
N TYR A 36 -6.37 9.95 15.37
CA TYR A 36 -6.59 8.74 14.58
C TYR A 36 -7.12 7.59 15.44
N LEU A 37 -6.49 7.39 16.60
CA LEU A 37 -6.81 6.25 17.47
C LEU A 37 -8.12 6.46 18.24
N SER A 38 -8.63 7.68 18.21
CA SER A 38 -9.88 8.02 18.86
C SER A 38 -10.99 8.18 17.83
N GLY A 39 -10.93 9.31 17.09
CA GLY A 39 -11.93 9.65 16.07
C GLY A 39 -11.92 11.14 15.75
N GLU A 45 -22.96 12.40 8.91
CA GLU A 45 -24.43 12.32 8.83
C GLU A 45 -24.88 12.75 7.44
N TRP A 46 -25.16 11.77 6.58
CA TRP A 46 -25.52 12.06 5.19
C TRP A 46 -26.72 13.00 5.06
N SER A 47 -27.75 12.80 5.89
CA SER A 47 -28.98 13.59 5.78
C SER A 47 -28.79 15.07 6.07
N LYS A 48 -27.70 15.39 6.77
CA LYS A 48 -27.39 16.75 7.18
C LYS A 48 -26.60 17.57 6.14
N ILE A 49 -26.16 16.91 5.07
CA ILE A 49 -25.39 17.59 4.01
C ILE A 49 -26.27 18.53 3.18
N GLN A 50 -25.82 19.78 3.01
CA GLN A 50 -26.53 20.80 2.22
C GLN A 50 -25.59 21.34 1.15
N THR A 51 -26.21 21.84 0.08
CA THR A 51 -25.48 22.57 -0.94
C THR A 51 -25.22 24.01 -0.44
N PRO A 52 -23.96 24.47 -0.50
CA PRO A 52 -23.73 25.86 -0.08
C PRO A 52 -24.51 26.89 -0.91
N THR A 53 -24.92 27.98 -0.27
CA THR A 53 -25.58 29.08 -0.99
C THR A 53 -24.54 29.76 -1.89
N ASP A 54 -24.98 30.64 -2.79
CA ASP A 54 -24.06 31.48 -3.58
C ASP A 54 -23.30 32.52 -2.72
N GLU A 55 -23.70 32.74 -1.46
CA GLU A 55 -22.94 33.68 -0.62
C GLU A 55 -21.79 33.02 0.12
N ILE A 56 -21.85 31.69 0.22
CA ILE A 56 -20.80 30.89 0.83
C ILE A 56 -19.88 30.34 -0.24
N VAL A 57 -20.44 29.85 -1.36
CA VAL A 57 -19.65 29.52 -2.54
C VAL A 57 -19.97 30.54 -3.66
N VAL A 58 -19.14 31.57 -3.71
CA VAL A 58 -19.40 32.75 -4.52
C VAL A 58 -19.02 32.45 -5.98
N PRO A 59 -19.99 32.61 -6.91
CA PRO A 59 -19.56 32.52 -8.32
C PRO A 59 -18.55 33.61 -8.67
N TYR A 60 -17.42 33.18 -9.26
CA TYR A 60 -16.36 34.10 -9.63
C TYR A 60 -16.87 35.34 -10.38
N GLU A 61 -17.81 35.13 -11.29
CA GLU A 61 -18.37 36.19 -12.12
C GLU A 61 -19.14 37.29 -11.36
N LYS A 62 -19.50 37.05 -10.10
CA LYS A 62 -20.19 38.04 -9.30
C LYS A 62 -19.19 38.95 -8.56
N MET A 63 -17.92 38.53 -8.53
CA MET A 63 -16.89 39.27 -7.81
C MET A 63 -16.51 40.51 -8.60
N THR A 64 -16.36 41.61 -7.88
CA THR A 64 -15.97 42.92 -8.42
C THR A 64 -14.46 42.91 -8.75
N PRO A 65 -14.07 43.22 -10.01
CA PRO A 65 -12.65 43.37 -10.34
C PRO A 65 -12.03 44.64 -9.76
N VAL A 66 -10.69 44.71 -9.73
CA VAL A 66 -10.01 45.92 -9.28
C VAL A 66 -10.36 47.11 -10.18
N SER A 67 -10.23 48.32 -9.66
CA SER A 67 -10.41 49.52 -10.48
C SER A 67 -9.17 49.73 -11.35
N GLN A 68 -9.21 50.76 -12.19
CA GLN A 68 -8.10 51.06 -13.09
C GLN A 68 -6.93 51.76 -12.39
N ASP A 69 -7.15 52.18 -11.13
CA ASP A 69 -6.14 52.83 -10.29
C ASP A 69 -5.04 51.82 -9.93
N VAL A 70 -3.87 52.00 -10.56
CA VAL A 70 -2.72 51.10 -10.38
C VAL A 70 -2.34 51.06 -8.90
N ALA A 71 -2.47 52.20 -8.22
CA ALA A 71 -2.20 52.26 -6.79
C ALA A 71 -3.04 51.24 -6.00
N GLU A 72 -4.31 51.06 -6.38
CA GLU A 72 -5.17 50.08 -5.71
C GLU A 72 -4.64 48.67 -5.87
N THR A 73 -4.14 48.35 -7.06
CA THR A 73 -3.55 47.05 -7.31
C THR A 73 -2.26 46.81 -6.53
N LYS A 74 -1.38 47.81 -6.52
CA LYS A 74 -0.11 47.70 -5.80
C LYS A 74 -0.35 47.43 -4.30
N ASN A 75 -1.34 48.11 -3.74
CA ASN A 75 -1.67 47.97 -2.31
C ASN A 75 -2.24 46.59 -1.97
N LEU A 76 -3.01 45.99 -2.89
CA LEU A 76 -3.44 44.61 -2.70
C LEU A 76 -2.22 43.68 -2.77
N LEU A 77 -1.41 43.86 -3.81
CA LEU A 77 -0.23 43.01 -4.04
C LEU A 77 0.79 43.06 -2.93
N ASP A 78 0.99 44.24 -2.33
CA ASP A 78 1.89 44.37 -1.17
C ASP A 78 1.50 43.49 0.01
N LYS A 79 0.29 42.96 0.00
CA LYS A 79 -0.19 42.16 1.12
C LYS A 79 -0.06 40.64 0.83
N LEU A 80 0.41 40.29 -0.36
CA LEU A 80 0.43 38.90 -0.80
C LEU A 80 1.75 38.13 -0.76
N VAL A 81 1.66 36.85 -0.38
CA VAL A 81 2.75 35.87 -0.49
CA VAL A 81 2.78 35.92 -0.59
C VAL A 81 2.24 34.79 -1.43
N VAL A 82 3.03 34.37 -2.42
CA VAL A 82 2.64 33.26 -3.29
C VAL A 82 3.39 32.05 -2.77
N LEU A 83 2.65 30.99 -2.46
CA LEU A 83 3.29 29.72 -2.02
C LEU A 83 2.97 28.57 -2.97
N LYS A 84 3.98 27.75 -3.27
CA LYS A 84 3.77 26.57 -4.06
C LYS A 84 4.12 25.34 -3.26
N LEU A 85 3.22 24.35 -3.28
CA LEU A 85 3.44 23.07 -2.64
C LEU A 85 4.42 22.29 -3.51
N ASN A 86 5.59 21.96 -2.93
CA ASN A 86 6.77 21.43 -3.67
C ASN A 86 7.36 20.22 -2.96
N GLY A 87 6.52 19.51 -2.19
CA GLY A 87 6.98 18.34 -1.41
C GLY A 87 7.08 17.05 -2.21
N GLY A 88 6.70 17.08 -3.50
CA GLY A 88 6.63 15.88 -4.35
C GLY A 88 7.67 15.70 -5.45
N LEU A 89 7.89 14.43 -5.85
CA LEU A 89 8.95 14.06 -6.79
C LEU A 89 8.45 13.82 -8.21
N GLY A 90 9.36 13.92 -9.19
CA GLY A 90 9.02 13.66 -10.60
C GLY A 90 8.88 12.19 -10.92
N THR A 91 8.63 11.36 -9.90
CA THR A 91 8.62 9.90 -10.08
C THR A 91 7.49 9.32 -10.98
N THR A 92 6.24 9.77 -10.79
CA THR A 92 5.10 9.33 -11.65
C THR A 92 5.49 9.49 -13.14
N MET A 93 6.24 10.54 -13.42
CA MET A 93 6.57 10.96 -14.77
C MET A 93 8.04 10.63 -15.14
N GLY A 94 8.58 9.60 -14.50
CA GLY A 94 9.93 9.09 -14.81
C GLY A 94 11.11 10.07 -14.71
N CYS A 95 11.04 10.97 -13.73
CA CYS A 95 12.08 11.96 -13.51
C CYS A 95 12.54 11.91 -12.05
N THR A 96 13.84 12.08 -11.86
CA THR A 96 14.35 12.27 -10.50
C THR A 96 14.25 13.76 -10.11
N GLY A 97 14.36 14.04 -8.81
CA GLY A 97 14.14 15.40 -8.33
C GLY A 97 12.65 15.75 -8.22
N PRO A 98 12.36 17.00 -7.83
CA PRO A 98 11.05 17.63 -7.64
C PRO A 98 10.26 17.75 -8.95
N LYS A 99 8.95 17.56 -8.87
CA LYS A 99 8.11 17.72 -10.06
C LYS A 99 8.21 19.10 -10.69
N SER A 100 8.38 20.11 -9.85
CA SER A 100 8.42 21.51 -10.30
C SER A 100 9.58 21.84 -11.25
N VAL A 101 10.59 20.99 -11.31
CA VAL A 101 11.74 21.28 -12.19
C VAL A 101 11.72 20.49 -13.50
N ILE A 102 10.60 19.82 -13.74
CA ILE A 102 10.32 19.27 -15.07
C ILE A 102 10.06 20.42 -16.01
N GLU A 103 10.60 20.34 -17.23
CA GLU A 103 10.34 21.35 -18.26
C GLU A 103 8.95 21.16 -18.77
N VAL A 104 8.15 22.21 -18.72
CA VAL A 104 6.75 22.03 -19.05
C VAL A 104 6.44 22.63 -20.43
N ARG A 105 7.01 23.79 -20.72
CA ARG A 105 6.72 24.49 -21.97
C ARG A 105 7.92 25.31 -22.43
N ASP A 106 8.27 25.18 -23.71
CA ASP A 106 9.31 26.02 -24.35
C ASP A 106 10.64 25.96 -23.57
N GLY A 107 10.94 24.79 -22.99
CA GLY A 107 12.19 24.60 -22.25
C GLY A 107 12.22 25.27 -20.88
N LEU A 108 11.07 25.76 -20.41
CA LEU A 108 10.95 26.38 -19.10
C LEU A 108 10.25 25.46 -18.12
N THR A 109 10.76 25.39 -16.88
CA THR A 109 10.17 24.53 -15.89
C THR A 109 8.93 25.18 -15.23
N PHE A 110 8.20 24.39 -14.42
CA PHE A 110 7.09 25.01 -13.69
C PHE A 110 7.62 26.15 -12.85
N LEU A 111 8.75 25.93 -12.20
CA LEU A 111 9.34 26.94 -11.32
C LEU A 111 9.81 28.16 -12.14
N ASP A 112 10.38 27.93 -13.33
CA ASP A 112 10.78 29.06 -14.21
C ASP A 112 9.57 29.98 -14.52
N LEU A 113 8.44 29.38 -14.86
CA LEU A 113 7.24 30.16 -15.23
C LEU A 113 6.65 30.92 -14.05
N ILE A 114 6.65 30.28 -12.88
CA ILE A 114 6.11 30.90 -11.66
C ILE A 114 6.93 32.16 -11.34
N VAL A 115 8.22 32.02 -11.49
CA VAL A 115 9.18 33.12 -11.24
C VAL A 115 8.95 34.26 -12.25
N ILE A 116 8.85 33.91 -13.55
CA ILE A 116 8.53 34.92 -14.54
C ILE A 116 7.24 35.70 -14.26
N GLN A 117 6.16 34.99 -13.92
CA GLN A 117 4.88 35.62 -13.58
C GLN A 117 5.04 36.61 -12.44
N ILE A 118 5.76 36.21 -11.39
CA ILE A 118 5.90 37.07 -10.24
C ILE A 118 6.82 38.26 -10.56
N GLU A 119 7.90 38.02 -11.29
CA GLU A 119 8.73 39.14 -11.80
C GLU A 119 7.88 40.19 -12.55
N ASN A 120 7.01 39.72 -13.43
CA ASN A 120 6.20 40.62 -14.23
C ASN A 120 5.23 41.42 -13.39
N LEU A 121 4.70 40.81 -12.33
CA LEU A 121 3.86 41.51 -11.37
C LEU A 121 4.63 42.60 -10.67
N ASN A 122 5.82 42.26 -10.17
CA ASN A 122 6.64 43.21 -9.42
C ASN A 122 7.11 44.38 -10.31
N ASN A 123 7.52 44.06 -11.53
CA ASN A 123 7.90 45.08 -12.52
C ASN A 123 6.76 46.04 -12.87
N LYS A 124 5.61 45.47 -13.18
CA LYS A 124 4.42 46.20 -13.63
C LYS A 124 3.87 47.13 -12.55
N TYR A 125 3.91 46.72 -11.28
CA TYR A 125 3.22 47.43 -10.22
C TYR A 125 4.07 48.04 -9.13
N GLY A 126 5.37 47.74 -9.11
CA GLY A 126 6.23 48.28 -8.06
C GLY A 126 6.13 47.58 -6.71
N CYS A 127 5.47 46.41 -6.68
CA CYS A 127 5.37 45.59 -5.47
C CYS A 127 6.55 44.64 -5.40
N LYS A 128 6.71 44.01 -4.23
CA LYS A 128 7.75 43.02 -4.03
C LYS A 128 7.08 41.75 -3.49
N VAL A 129 6.32 41.08 -4.34
CA VAL A 129 5.60 39.86 -3.95
C VAL A 129 6.64 38.74 -3.85
N PRO A 130 6.72 38.09 -2.69
CA PRO A 130 7.68 36.97 -2.64
C PRO A 130 7.06 35.64 -3.06
N LEU A 131 7.94 34.70 -3.39
CA LEU A 131 7.57 33.33 -3.72
C LEU A 131 8.15 32.49 -2.59
N VAL A 132 7.36 31.56 -2.07
CA VAL A 132 7.89 30.57 -1.10
C VAL A 132 7.48 29.16 -1.54
N LEU A 133 8.44 28.25 -1.44
CA LEU A 133 8.25 26.88 -1.88
C LEU A 133 8.21 26.03 -0.60
N MET A 134 7.15 25.25 -0.43
CA MET A 134 7.12 24.33 0.70
C MET A 134 7.72 22.99 0.23
N ASN A 135 8.92 22.68 0.69
CA ASN A 135 9.57 21.45 0.24
C ASN A 135 9.35 20.38 1.29
N SER A 136 9.84 19.18 0.99
CA SER A 136 9.83 18.10 1.94
C SER A 136 11.25 17.60 2.03
N PHE A 137 11.51 16.68 2.97
CA PHE A 137 12.86 16.11 3.05
C PHE A 137 13.26 15.34 1.77
N ASN A 138 12.28 15.01 0.93
CA ASN A 138 12.53 14.39 -0.38
C ASN A 138 12.88 15.36 -1.51
N THR A 139 12.51 16.62 -1.36
CA THR A 139 12.74 17.63 -2.39
C THR A 139 13.61 18.84 -1.97
N HIS A 140 13.91 18.97 -0.68
CA HIS A 140 14.57 20.18 -0.16
C HIS A 140 15.99 20.44 -0.72
N ASP A 141 16.84 19.40 -0.78
CA ASP A 141 18.20 19.60 -1.29
C ASP A 141 18.26 19.93 -2.79
N ASP A 142 17.46 19.25 -3.61
CA ASP A 142 17.44 19.51 -5.05
C ASP A 142 16.92 20.91 -5.29
N THR A 143 15.82 21.21 -4.61
CA THR A 143 15.18 22.50 -4.75
C THR A 143 16.09 23.66 -4.32
N HIS A 144 16.73 23.54 -3.17
CA HIS A 144 17.67 24.55 -2.68
C HIS A 144 18.83 24.86 -3.65
N LYS A 145 19.41 23.84 -4.29
CA LYS A 145 20.43 24.16 -5.29
C LYS A 145 19.84 24.76 -6.59
N ILE A 146 18.64 24.32 -6.97
CA ILE A 146 17.96 24.84 -8.16
C ILE A 146 17.58 26.31 -8.03
N VAL A 147 17.10 26.72 -6.87
CA VAL A 147 16.54 28.10 -6.72
C VAL A 147 17.65 29.17 -6.76
N GLU A 148 18.89 28.75 -6.63
CA GLU A 148 20.00 29.71 -6.75
C GLU A 148 20.04 30.32 -8.16
N LYS A 149 19.41 29.68 -9.14
CA LYS A 149 19.45 30.19 -10.49
C LYS A 149 18.70 31.55 -10.58
N TYR A 150 17.82 31.82 -9.62
CA TYR A 150 16.99 32.99 -9.63
C TYR A 150 17.61 34.06 -8.72
N THR A 151 18.89 33.93 -8.39
CA THR A 151 19.57 34.85 -7.41
C THR A 151 19.39 36.33 -7.79
N ASN A 152 19.51 36.65 -9.09
CA ASN A 152 19.32 38.05 -9.57
C ASN A 152 17.94 38.34 -10.18
N SER A 153 17.00 37.42 -9.97
CA SER A 153 15.63 37.62 -10.44
C SER A 153 14.93 38.67 -9.61
N ASN A 154 13.89 39.24 -10.21
CA ASN A 154 13.13 40.29 -9.60
C ASN A 154 12.00 39.73 -8.71
N VAL A 155 12.39 38.83 -7.82
CA VAL A 155 11.51 38.22 -6.84
C VAL A 155 12.34 37.53 -5.77
N ASP A 156 12.02 37.77 -4.50
CA ASP A 156 12.69 37.07 -3.41
C ASP A 156 12.08 35.67 -3.26
N ILE A 157 12.91 34.63 -3.30
CA ILE A 157 12.42 33.25 -3.18
C ILE A 157 12.85 32.65 -1.85
N HIS A 158 11.84 32.23 -1.09
CA HIS A 158 11.98 31.63 0.23
C HIS A 158 11.69 30.13 0.07
N THR A 159 12.34 29.30 0.88
CA THR A 159 12.02 27.85 0.95
C THR A 159 11.86 27.48 2.42
N PHE A 160 11.09 26.43 2.71
CA PHE A 160 11.11 25.85 4.02
C PHE A 160 10.78 24.36 3.88
N ASN A 161 11.19 23.57 4.86
CA ASN A 161 10.92 22.14 4.84
C ASN A 161 9.69 21.91 5.68
N GLN A 162 8.72 21.16 5.15
CA GLN A 162 7.59 20.76 6.00
C GLN A 162 8.01 19.66 7.00
N SER A 163 7.04 19.20 7.79
CA SER A 163 7.32 18.24 8.87
C SER A 163 7.79 16.92 8.31
N LYS A 164 8.59 16.20 9.10
CA LYS A 164 9.08 14.89 8.73
C LYS A 164 8.62 13.92 9.84
N TYR A 165 7.69 13.02 9.52
CA TYR A 165 7.06 12.18 10.54
C TYR A 165 7.48 10.73 10.30
N PRO A 166 7.46 9.90 11.36
CA PRO A 166 7.84 8.51 11.15
C PRO A 166 6.70 7.72 10.46
N ARG A 167 7.00 7.00 9.38
CA ARG A 167 6.07 5.93 8.96
C ARG A 167 5.77 5.01 10.13
N VAL A 168 4.53 4.55 10.23
CA VAL A 168 4.13 3.69 11.34
C VAL A 168 3.87 2.29 10.79
N VAL A 169 4.49 1.28 11.40
CA VAL A 169 4.29 -0.09 10.93
C VAL A 169 2.86 -0.48 11.26
N ALA A 170 2.11 -0.89 10.24
CA ALA A 170 0.66 -1.00 10.37
C ALA A 170 0.21 -1.98 11.42
N ASP A 171 0.88 -3.13 11.51
CA ASP A 171 0.35 -4.18 12.38
C ASP A 171 0.64 -3.90 13.86
N GLU A 172 1.91 -3.68 14.18
CA GLU A 172 2.37 -3.49 15.54
C GLU A 172 2.01 -2.10 16.01
N PHE A 173 1.81 -1.22 15.05
CA PHE A 173 1.56 0.19 15.31
C PHE A 173 2.67 0.84 16.13
N VAL A 174 3.90 0.79 15.61
CA VAL A 174 5.04 1.41 16.25
C VAL A 174 5.73 2.19 15.15
N PRO A 175 6.54 3.21 15.52
CA PRO A 175 7.24 3.95 14.48
C PRO A 175 8.24 3.03 13.79
N TRP A 176 8.24 3.02 12.45
CA TRP A 176 9.25 2.26 11.73
C TRP A 176 10.70 2.60 12.09
N PRO A 177 11.04 3.91 12.24
CA PRO A 177 12.42 4.19 12.71
C PRO A 177 12.73 3.60 14.08
N SER A 178 11.71 3.38 14.91
CA SER A 178 11.92 2.65 16.20
C SER A 178 12.37 1.19 16.03
N LYS A 179 12.02 0.62 14.87
CA LYS A 179 12.45 -0.76 14.52
C LYS A 179 13.79 -0.74 13.78
N GLY A 180 14.33 0.45 13.57
CA GLY A 180 15.66 0.68 13.02
C GLY A 180 15.65 1.22 11.60
N LYS A 181 14.48 1.59 11.08
CA LYS A 181 14.41 2.14 9.71
C LYS A 181 14.58 3.64 9.76
N THR A 182 15.82 4.07 9.88
CA THR A 182 16.11 5.47 10.13
C THR A 182 16.50 6.21 8.87
N ASP A 183 16.83 5.46 7.81
CA ASP A 183 17.07 6.07 6.51
C ASP A 183 15.82 6.77 5.95
N LYS A 184 15.95 7.38 4.77
CA LYS A 184 14.88 8.17 4.15
C LYS A 184 13.53 7.46 4.09
N GLU A 185 13.55 6.14 3.88
CA GLU A 185 12.32 5.36 3.69
C GLU A 185 11.53 5.15 4.98
N GLY A 186 12.11 5.53 6.12
CA GLY A 186 11.42 5.33 7.41
C GLY A 186 10.41 6.44 7.72
N TRP A 187 10.39 7.46 6.88
CA TRP A 187 9.69 8.71 7.16
C TRP A 187 8.83 9.18 6.00
N TYR A 188 8.00 10.21 6.24
CA TYR A 188 7.09 10.70 5.22
C TYR A 188 6.72 12.12 5.57
N PRO A 189 6.42 12.95 4.55
CA PRO A 189 5.82 14.27 4.82
C PRO A 189 4.28 14.18 4.94
N PRO A 190 3.71 14.66 6.06
CA PRO A 190 2.33 14.36 6.35
C PRO A 190 1.26 15.20 5.58
N GLY A 191 1.40 15.26 4.25
CA GLY A 191 0.40 15.83 3.32
C GLY A 191 0.45 17.32 3.28
N HIS A 192 -0.33 17.92 2.39
CA HIS A 192 -0.31 19.38 2.28
C HIS A 192 -1.06 20.13 3.38
N GLY A 193 -1.80 19.42 4.23
CA GLY A 193 -2.47 20.09 5.38
C GLY A 193 -1.44 20.53 6.40
N ASP A 194 -0.28 19.89 6.35
CA ASP A 194 0.92 20.29 7.13
C ASP A 194 1.47 21.70 6.79
N VAL A 195 1.05 22.28 5.66
CA VAL A 195 1.43 23.67 5.29
C VAL A 195 1.21 24.67 6.44
N PHE A 196 0.11 24.55 7.18
CA PHE A 196 -0.17 25.49 8.23
C PHE A 196 0.81 25.40 9.42
N PRO A 197 0.95 24.19 10.06
CA PRO A 197 1.97 24.12 11.11
C PRO A 197 3.40 24.36 10.61
N ALA A 198 3.73 23.89 9.39
CA ALA A 198 5.10 24.05 8.88
C ALA A 198 5.43 25.51 8.61
N LEU A 199 4.48 26.25 8.09
CA LEU A 199 4.71 27.67 7.86
CA LEU A 199 4.68 27.69 7.87
C LEU A 199 5.06 28.38 9.15
N MET A 200 4.33 28.07 10.24
CA MET A 200 4.67 28.60 11.58
C MET A 200 6.00 28.08 12.09
N ASN A 201 6.17 26.76 12.06
CA ASN A 201 7.38 26.09 12.59
C ASN A 201 8.68 26.55 11.95
N SER A 202 8.63 26.74 10.64
CA SER A 202 9.80 27.11 9.87
C SER A 202 10.25 28.55 10.16
N GLY A 203 9.35 29.40 10.68
CA GLY A 203 9.68 30.81 10.89
C GLY A 203 9.18 31.71 9.76
N LYS A 204 8.81 31.10 8.64
CA LYS A 204 8.48 31.92 7.47
C LYS A 204 7.21 32.75 7.65
N LEU A 205 6.19 32.22 8.33
CA LEU A 205 5.00 33.01 8.55
C LEU A 205 5.32 34.29 9.33
N ASP A 206 6.14 34.17 10.35
CA ASP A 206 6.59 35.35 11.11
C ASP A 206 7.34 36.34 10.22
N THR A 207 8.23 35.86 9.36
CA THR A 207 8.98 36.75 8.46
C THR A 207 8.03 37.55 7.54
N PHE A 208 7.07 36.86 6.91
CA PHE A 208 6.11 37.58 6.08
C PHE A 208 5.21 38.55 6.84
N LEU A 209 4.74 38.18 8.03
CA LEU A 209 3.96 39.14 8.85
C LEU A 209 4.75 40.40 9.16
N SER A 210 6.02 40.22 9.52
CA SER A 210 6.95 41.32 9.77
C SER A 210 7.21 42.19 8.55
N GLN A 211 7.05 41.62 7.36
CA GLN A 211 7.15 42.33 6.09
C GLN A 211 5.81 42.99 5.69
N GLY A 212 4.81 42.91 6.56
CA GLY A 212 3.51 43.53 6.28
C GLY A 212 2.60 42.72 5.37
N LYS A 213 2.93 41.44 5.16
CA LYS A 213 2.04 40.58 4.35
C LYS A 213 0.83 40.16 5.17
N GLU A 214 -0.25 39.84 4.47
CA GLU A 214 -1.48 39.48 5.17
C GLU A 214 -2.13 38.19 4.67
N TYR A 215 -1.88 37.83 3.40
CA TYR A 215 -2.46 36.65 2.75
C TYR A 215 -1.41 35.79 2.05
N VAL A 216 -1.65 34.48 2.05
CA VAL A 216 -0.88 33.54 1.24
C VAL A 216 -1.81 32.88 0.21
N PHE A 217 -1.39 32.89 -1.05
CA PHE A 217 -2.05 32.12 -2.11
C PHE A 217 -1.26 30.84 -2.25
N VAL A 218 -1.90 29.73 -1.89
CA VAL A 218 -1.30 28.41 -1.90
C VAL A 218 -1.82 27.69 -3.16
N ALA A 219 -0.95 26.95 -3.85
CA ALA A 219 -1.36 26.07 -4.97
C ALA A 219 -0.36 24.97 -5.17
N ASN A 220 -0.80 23.97 -5.93
CA ASN A 220 0.03 22.86 -6.32
C ASN A 220 1.03 23.43 -7.32
N SER A 221 2.26 23.02 -7.19
CA SER A 221 3.33 23.47 -8.08
C SER A 221 3.03 23.15 -9.56
N ASP A 222 2.23 22.12 -9.82
CA ASP A 222 2.00 21.68 -11.19
C ASP A 222 0.70 22.17 -11.77
N ASN A 223 0.02 23.07 -11.07
CA ASN A 223 -1.21 23.65 -11.63
C ASN A 223 -0.92 24.93 -12.41
N LEU A 224 -0.90 24.81 -13.74
CA LEU A 224 -0.53 25.93 -14.59
C LEU A 224 -1.58 27.01 -14.63
N GLY A 225 -2.79 26.75 -14.12
CA GLY A 225 -3.80 27.79 -14.08
C GLY A 225 -3.78 28.67 -12.84
N ALA A 226 -2.99 28.26 -11.84
CA ALA A 226 -2.98 28.95 -10.56
C ALA A 226 -2.14 30.24 -10.60
N ILE A 227 -2.67 31.29 -11.25
CA ILE A 227 -1.98 32.59 -11.26
C ILE A 227 -2.60 33.54 -10.26
N VAL A 228 -1.81 34.50 -9.80
CA VAL A 228 -2.37 35.50 -8.91
C VAL A 228 -3.64 36.07 -9.61
N ASP A 229 -4.72 36.14 -8.86
CA ASP A 229 -5.95 36.69 -9.35
C ASP A 229 -6.34 37.82 -8.45
N LEU A 230 -6.30 39.02 -9.02
CA LEU A 230 -6.55 40.27 -8.28
C LEU A 230 -8.00 40.40 -7.79
N THR A 231 -8.93 39.87 -8.58
CA THR A 231 -10.35 39.89 -8.23
C THR A 231 -10.64 39.12 -6.93
N ILE A 232 -10.07 37.91 -6.82
CA ILE A 232 -10.18 37.16 -5.58
C ILE A 232 -9.46 37.87 -4.45
N LEU A 233 -8.23 38.31 -4.66
CA LEU A 233 -7.43 38.94 -3.56
C LEU A 233 -8.20 40.15 -3.05
N LYS A 234 -8.72 40.93 -3.98
CA LYS A 234 -9.57 42.10 -3.62
C LYS A 234 -10.76 41.72 -2.72
N HIS A 235 -11.48 40.68 -3.12
CA HIS A 235 -12.63 40.19 -2.34
C HIS A 235 -12.28 39.81 -0.90
N LEU A 236 -11.16 39.12 -0.72
CA LEU A 236 -10.73 38.66 0.59
C LEU A 236 -10.45 39.86 1.48
N ILE A 237 -9.77 40.87 0.93
CA ILE A 237 -9.38 42.03 1.73
C ILE A 237 -10.59 42.92 2.05
N GLN A 238 -11.42 43.22 1.04
CA GLN A 238 -12.63 44.01 1.28
C GLN A 238 -13.59 43.32 2.23
N ASN A 239 -13.76 42.01 2.05
CA ASN A 239 -14.79 41.29 2.81
C ASN A 239 -14.28 40.55 4.07
N LYS A 240 -12.98 40.62 4.31
CA LYS A 240 -12.32 39.97 5.46
C LYS A 240 -12.59 38.45 5.52
N ASN A 241 -12.48 37.79 4.37
CA ASN A 241 -12.56 36.32 4.31
C ASN A 241 -11.20 35.81 4.75
N GLU A 242 -11.17 35.01 5.81
CA GLU A 242 -9.89 34.48 6.29
C GLU A 242 -9.43 33.26 5.52
N TYR A 243 -10.32 32.68 4.70
CA TYR A 243 -9.92 31.50 3.91
C TYR A 243 -10.84 31.46 2.71
N CYS A 244 -10.26 31.25 1.55
CA CYS A 244 -11.05 31.12 0.35
C CYS A 244 -10.51 29.97 -0.50
N MET A 245 -11.31 28.94 -0.69
CA MET A 245 -10.96 27.82 -1.57
C MET A 245 -11.49 28.04 -2.98
N GLU A 246 -10.64 28.00 -3.98
CA GLU A 246 -11.18 27.97 -5.34
C GLU A 246 -11.70 26.59 -5.70
N VAL A 247 -12.98 26.53 -6.03
CA VAL A 247 -13.56 25.31 -6.57
C VAL A 247 -13.91 25.54 -8.02
N THR A 248 -14.19 24.46 -8.76
CA THR A 248 -14.51 24.60 -10.18
C THR A 248 -15.59 23.57 -10.49
N PRO A 249 -16.42 23.80 -11.54
CA PRO A 249 -17.49 22.82 -11.81
C PRO A 249 -16.99 21.38 -12.02
N LYS A 250 -17.71 20.43 -11.44
CA LYS A 250 -17.30 19.03 -11.45
C LYS A 250 -17.71 18.46 -12.82
N THR A 251 -16.77 17.80 -13.50
CA THR A 251 -17.09 17.17 -14.78
C THR A 251 -17.04 15.67 -14.56
N LEU A 252 -17.53 14.91 -15.54
CA LEU A 252 -17.42 13.44 -15.50
C LEU A 252 -15.98 12.99 -15.15
N ALA A 253 -14.99 13.75 -15.60
CA ALA A 253 -13.58 13.42 -15.37
C ALA A 253 -13.02 13.63 -13.96
N ASP A 254 -13.76 14.30 -13.07
CA ASP A 254 -13.17 14.73 -11.79
C ASP A 254 -13.62 13.85 -10.62
N GLY A 257 -12.65 14.03 -6.94
CA GLY A 257 -12.46 15.37 -6.35
C GLY A 257 -13.20 15.57 -5.04
N GLY A 258 -12.52 16.21 -4.07
CA GLY A 258 -13.13 16.64 -2.79
C GLY A 258 -14.06 17.78 -3.14
N THR A 259 -15.22 17.82 -2.49
CA THR A 259 -16.23 18.86 -2.80
C THR A 259 -16.46 19.75 -1.57
N LEU A 260 -17.06 20.93 -1.76
CA LEU A 260 -17.45 21.74 -0.63
C LEU A 260 -18.90 21.54 -0.33
N ILE A 261 -19.20 21.25 0.92
CA ILE A 261 -20.55 21.12 1.40
C ILE A 261 -20.82 22.11 2.53
N SER A 262 -22.09 22.33 2.81
CA SER A 262 -22.42 22.99 4.03
C SER A 262 -22.88 21.91 5.01
N TYR A 263 -22.33 21.95 6.23
CA TYR A 263 -22.61 20.93 7.23
C TYR A 263 -22.49 21.54 8.62
N GLU A 264 -23.51 21.31 9.46
CA GLU A 264 -23.59 21.89 10.80
C GLU A 264 -23.25 23.39 10.82
N GLY A 265 -23.75 24.10 9.81
CA GLY A 265 -23.66 25.56 9.80
C GLY A 265 -22.37 26.10 9.20
N LYS A 266 -21.48 25.21 8.79
CA LYS A 266 -20.16 25.59 8.27
C LYS A 266 -19.87 25.00 6.88
N VAL A 267 -19.11 25.72 6.07
CA VAL A 267 -18.60 25.15 4.84
C VAL A 267 -17.44 24.24 5.18
N GLN A 268 -17.39 23.08 4.53
CA GLN A 268 -16.43 22.03 4.90
C GLN A 268 -16.06 21.25 3.64
N LEU A 269 -14.83 20.74 3.60
CA LEU A 269 -14.40 19.83 2.54
C LEU A 269 -14.96 18.41 2.83
N LEU A 270 -15.56 17.78 1.82
CA LEU A 270 -16.02 16.41 1.93
C LEU A 270 -15.26 15.54 0.93
N GLU A 271 -14.59 14.53 1.44
CA GLU A 271 -13.91 13.55 0.57
C GLU A 271 -14.60 12.18 0.63
N ILE A 272 -14.40 11.35 -0.41
CA ILE A 272 -15.11 10.07 -0.50
C ILE A 272 -14.80 9.17 0.72
N ALA A 273 -13.63 9.35 1.32
CA ALA A 273 -13.24 8.62 2.53
C ALA A 273 -14.24 8.71 3.68
N GLN A 274 -14.99 9.82 3.75
CA GLN A 274 -15.88 10.10 4.89
C GLN A 274 -17.34 9.89 4.50
N VAL A 275 -17.54 9.33 3.32
CA VAL A 275 -18.87 8.97 2.83
C VAL A 275 -19.17 7.49 3.11
N PRO A 276 -20.30 7.20 3.81
CA PRO A 276 -20.80 5.82 4.01
C PRO A 276 -20.97 5.05 2.67
N ASP A 277 -20.69 3.74 2.66
CA ASP A 277 -20.69 2.91 1.43
C ASP A 277 -21.96 3.06 0.58
N GLU A 278 -23.10 3.00 1.26
CA GLU A 278 -24.44 3.19 0.69
C GLU A 278 -24.64 4.54 -0.03
N HIS A 279 -23.75 5.51 0.24
CA HIS A 279 -23.86 6.86 -0.35
C HIS A 279 -22.73 7.24 -1.31
N VAL A 280 -21.78 6.32 -1.50
CA VAL A 280 -20.61 6.57 -2.35
C VAL A 280 -20.98 6.86 -3.81
N ASN A 281 -21.96 6.14 -4.34
CA ASN A 281 -22.42 6.34 -5.73
C ASN A 281 -23.06 7.70 -5.99
N GLU A 282 -23.78 8.19 -5.00
CA GLU A 282 -24.43 9.51 -5.06
C GLU A 282 -23.40 10.61 -4.94
N PHE A 283 -22.38 10.38 -4.11
CA PHE A 283 -21.24 11.28 -3.97
C PHE A 283 -20.58 11.49 -5.34
N LYS A 284 -20.50 10.42 -6.13
CA LYS A 284 -19.87 10.48 -7.44
C LYS A 284 -20.78 11.04 -8.53
N SER A 285 -21.94 11.53 -8.12
CA SER A 285 -22.86 12.17 -9.02
C SER A 285 -22.46 13.64 -9.15
N ILE A 286 -22.02 14.02 -10.36
CA ILE A 286 -21.71 15.42 -10.67
C ILE A 286 -23.01 16.21 -10.78
N GLU A 287 -24.09 15.59 -10.32
CA GLU A 287 -25.40 16.20 -10.34
C GLU A 287 -25.81 16.60 -8.91
N LYS A 288 -25.49 15.73 -7.94
CA LYS A 288 -25.60 16.00 -6.48
C LYS A 288 -24.54 17.01 -5.98
N PHE A 289 -23.26 16.75 -6.27
CA PHE A 289 -22.15 17.63 -5.88
C PHE A 289 -21.59 18.21 -7.16
N LYS A 290 -21.74 19.51 -7.35
CA LYS A 290 -21.49 20.18 -8.63
C LYS A 290 -20.13 20.85 -8.73
N ILE A 291 -19.36 20.83 -7.63
CA ILE A 291 -18.11 21.58 -7.51
C ILE A 291 -17.02 20.72 -6.90
N PHE A 292 -15.77 21.02 -7.22
CA PHE A 292 -14.65 20.33 -6.57
C PHE A 292 -13.44 21.23 -6.33
N ASN A 293 -12.67 20.87 -5.30
CA ASN A 293 -11.49 21.61 -4.85
C ASN A 293 -10.36 21.57 -5.87
N THR A 294 -9.87 22.76 -6.25
CA THR A 294 -8.69 22.90 -7.12
C THR A 294 -7.32 22.84 -6.41
N ASN A 295 -7.35 22.98 -5.09
CA ASN A 295 -6.20 23.19 -4.21
C ASN A 295 -5.54 24.56 -4.40
N ASN A 296 -6.24 25.50 -5.07
CA ASN A 296 -5.86 26.94 -5.08
C ASN A 296 -6.58 27.53 -3.85
N LEU A 297 -5.81 27.93 -2.81
CA LEU A 297 -6.36 28.26 -1.48
C LEU A 297 -5.80 29.61 -1.08
N TRP A 298 -6.65 30.52 -0.63
CA TRP A 298 -6.16 31.86 -0.22
C TRP A 298 -6.39 31.92 1.27
N VAL A 299 -5.35 32.29 2.05
CA VAL A 299 -5.49 32.13 3.49
C VAL A 299 -4.88 33.31 4.22
N ASN A 300 -5.60 33.80 5.23
CA ASN A 300 -5.13 34.93 6.03
C ASN A 300 -4.03 34.53 6.97
N LEU A 301 -2.91 35.26 6.95
CA LEU A 301 -1.68 34.81 7.65
C LEU A 301 -1.88 34.97 9.16
N LYS A 302 -2.52 36.07 9.60
CA LYS A 302 -2.77 36.21 11.08
C LYS A 302 -3.68 35.09 11.62
N ALA A 303 -4.68 34.70 10.84
CA ALA A 303 -5.64 33.64 11.22
C ALA A 303 -4.88 32.31 11.35
N ILE A 304 -3.94 32.06 10.44
CA ILE A 304 -3.11 30.83 10.51
C ILE A 304 -2.30 30.80 11.80
N LYS A 305 -1.61 31.90 12.09
CA LYS A 305 -0.79 31.94 13.33
C LYS A 305 -1.64 31.66 14.55
N LYS A 306 -2.82 32.28 14.60
CA LYS A 306 -3.73 32.15 15.73
C LYS A 306 -4.25 30.72 15.93
N LEU A 307 -4.66 30.08 14.84
CA LEU A 307 -5.22 28.73 14.89
C LEU A 307 -4.16 27.65 15.07
N VAL A 308 -2.97 27.90 14.54
CA VAL A 308 -1.87 26.98 14.77
C VAL A 308 -1.42 27.09 16.25
N GLU A 309 -1.26 28.30 16.75
CA GLU A 309 -0.82 28.45 18.13
C GLU A 309 -1.87 27.96 19.13
N ALA A 310 -3.15 28.07 18.77
CA ALA A 310 -4.24 27.52 19.61
C ALA A 310 -4.49 26.03 19.40
N ASP A 311 -3.66 25.38 18.59
CA ASP A 311 -3.82 23.97 18.24
C ASP A 311 -5.28 23.64 17.87
N ALA A 312 -5.82 24.41 16.92
CA ALA A 312 -7.25 24.36 16.56
C ALA A 312 -7.52 23.66 15.23
N LEU A 313 -6.48 23.36 14.47
CA LEU A 313 -6.63 22.75 13.14
C LEU A 313 -6.63 21.24 13.20
N LYS A 314 -7.83 20.69 13.20
CA LYS A 314 -8.09 19.31 13.45
C LYS A 314 -8.69 18.65 12.24
N MET A 315 -7.95 18.63 11.13
CA MET A 315 -8.42 18.09 9.86
C MET A 315 -8.57 16.59 9.92
N GLU A 316 -9.43 16.05 9.07
CA GLU A 316 -9.62 14.63 8.96
C GLU A 316 -8.29 13.94 8.72
N ILE A 317 -8.09 12.81 9.39
CA ILE A 317 -6.87 12.05 9.19
C ILE A 317 -7.02 11.16 7.97
N ILE A 318 -6.03 11.23 7.07
CA ILE A 318 -5.95 10.39 5.88
C ILE A 318 -4.81 9.37 6.14
N PRO A 319 -5.13 8.06 6.27
CA PRO A 319 -4.08 7.05 6.60
C PRO A 319 -3.02 6.77 5.54
N ASN A 320 -3.38 6.94 4.26
CA ASN A 320 -2.50 6.74 3.10
C ASN A 320 -1.58 5.54 3.29
N PRO A 321 -2.14 4.31 3.37
CA PRO A 321 -1.24 3.17 3.60
C PRO A 321 -0.31 2.92 2.40
N LYS A 322 0.89 2.41 2.69
CA LYS A 322 1.87 2.04 1.67
C LYS A 322 2.58 0.76 2.10
N GLU A 323 3.16 0.07 1.12
CA GLU A 323 4.07 -1.04 1.37
C GLU A 323 5.43 -0.64 0.82
N VAL A 324 6.41 -0.56 1.71
CA VAL A 324 7.72 -0.07 1.36
C VAL A 324 8.74 -1.10 1.82
N ASP A 325 9.72 -1.44 0.99
CA ASP A 325 10.78 -2.37 1.41
C ASP A 325 10.18 -3.57 2.16
N GLY A 326 9.04 -4.05 1.69
CA GLY A 326 8.36 -5.22 2.26
C GLY A 326 7.30 -4.91 3.31
N VAL A 327 7.45 -3.78 3.98
CA VAL A 327 6.73 -3.49 5.22
C VAL A 327 5.46 -2.67 4.94
N LYS A 328 4.32 -3.09 5.50
CA LYS A 328 3.09 -2.30 5.37
C LYS A 328 3.04 -1.20 6.45
N VAL A 329 2.92 0.04 5.98
CA VAL A 329 3.02 1.19 6.88
C VAL A 329 1.79 2.09 6.73
N LEU A 330 1.56 2.93 7.74
CA LEU A 330 0.58 4.01 7.69
C LEU A 330 1.37 5.32 7.61
N GLN A 331 0.79 6.26 6.86
CA GLN A 331 1.34 7.58 6.63
C GLN A 331 0.27 8.67 6.91
N LEU A 332 -0.08 8.84 8.18
CA LEU A 332 -1.16 9.73 8.62
C LEU A 332 -0.86 11.14 8.16
N GLU A 333 -1.83 11.67 7.41
CA GLU A 333 -1.67 12.98 6.82
C GLU A 333 -3.01 13.74 6.90
N THR A 334 -2.96 14.99 6.49
CA THR A 334 -4.13 15.87 6.40
C THR A 334 -4.04 16.68 5.12
N ALA A 335 -5.14 17.34 4.75
CA ALA A 335 -5.21 18.10 3.52
C ALA A 335 -5.48 19.57 3.83
N ALA A 336 -4.80 20.43 3.10
CA ALA A 336 -4.89 21.88 3.31
C ALA A 336 -6.30 22.36 3.10
N GLY A 337 -7.02 21.77 2.13
CA GLY A 337 -8.40 22.18 1.86
C GLY A 337 -9.34 21.86 2.99
N ALA A 338 -9.01 20.85 3.79
CA ALA A 338 -9.87 20.45 4.91
C ALA A 338 -9.85 21.47 6.07
N ALA A 339 -8.85 22.34 6.07
CA ALA A 339 -8.71 23.33 7.13
C ALA A 339 -9.76 24.42 7.01
N ILE A 340 -10.50 24.47 5.90
CA ILE A 340 -11.46 25.58 5.66
C ILE A 340 -12.47 25.81 6.80
N ARG A 341 -12.89 24.73 7.44
CA ARG A 341 -13.97 24.82 8.40
C ARG A 341 -13.55 25.41 9.76
N PHE A 342 -12.26 25.75 9.92
CA PHE A 342 -11.78 26.32 11.17
C PHE A 342 -11.57 27.83 11.10
N PHE A 343 -11.63 28.40 9.91
CA PHE A 343 -11.34 29.81 9.73
C PHE A 343 -12.62 30.64 9.74
N ASP A 344 -12.47 31.92 10.03
CA ASP A 344 -13.60 32.84 10.06
C ASP A 344 -13.96 33.42 8.71
N ASN A 345 -15.27 33.55 8.50
CA ASN A 345 -15.83 34.08 7.24
C ASN A 345 -15.26 33.36 6.02
N ALA A 346 -15.07 32.05 6.14
CA ALA A 346 -14.56 31.27 5.02
C ALA A 346 -15.58 31.09 3.90
N ILE A 347 -15.05 31.14 2.68
CA ILE A 347 -15.84 30.92 1.48
C ILE A 347 -15.17 29.98 0.48
N GLY A 348 -15.96 29.45 -0.44
CA GLY A 348 -15.38 29.06 -1.71
C GLY A 348 -15.63 30.11 -2.77
N VAL A 349 -14.86 30.03 -3.85
CA VAL A 349 -15.21 30.77 -5.09
C VAL A 349 -15.20 29.77 -6.22
N ASN A 350 -16.28 29.81 -7.02
CA ASN A 350 -16.46 28.89 -8.11
C ASN A 350 -15.84 29.53 -9.38
N VAL A 351 -14.65 29.03 -9.74
CA VAL A 351 -13.82 29.59 -10.84
C VAL A 351 -13.95 28.77 -12.12
N PRO A 352 -13.70 29.42 -13.29
CA PRO A 352 -13.70 28.76 -14.58
C PRO A 352 -12.54 27.78 -14.55
N ARG A 353 -12.66 26.71 -15.31
CA ARG A 353 -11.65 25.66 -15.32
C ARG A 353 -10.27 26.12 -15.84
N SER A 354 -10.24 27.31 -16.43
CA SER A 354 -8.96 27.94 -16.83
C SER A 354 -8.01 28.06 -15.66
N ARG A 355 -8.57 28.08 -14.46
CA ARG A 355 -7.75 28.18 -13.23
C ARG A 355 -7.26 26.81 -12.72
N PHE A 356 -7.65 25.75 -13.41
CA PHE A 356 -7.29 24.36 -13.06
C PHE A 356 -6.72 23.60 -14.29
N LEU A 357 -5.41 23.67 -14.47
CA LEU A 357 -4.71 22.97 -15.55
C LEU A 357 -3.59 22.14 -14.92
N PRO A 358 -3.94 21.01 -14.30
CA PRO A 358 -2.89 20.23 -13.64
C PRO A 358 -2.02 19.47 -14.66
N VAL A 359 -0.76 19.22 -14.30
CA VAL A 359 0.11 18.39 -15.06
C VAL A 359 0.50 17.23 -14.15
N LYS A 360 -0.17 16.10 -14.38
CA LYS A 360 0.06 14.89 -13.58
C LYS A 360 0.71 13.76 -14.35
N ALA A 361 0.54 13.76 -15.69
CA ALA A 361 1.12 12.73 -16.53
C ALA A 361 1.58 13.29 -17.87
N SER A 362 2.32 12.47 -18.63
CA SER A 362 2.80 12.86 -19.97
C SER A 362 1.68 13.33 -20.85
N SER A 363 0.51 12.69 -20.73
CA SER A 363 -0.65 13.12 -21.53
C SER A 363 -0.98 14.59 -21.34
N ASP A 364 -0.78 15.15 -20.13
CA ASP A 364 -1.00 16.57 -19.86
C ASP A 364 0.10 17.43 -20.48
N LEU A 365 1.31 16.88 -20.57
CA LEU A 365 2.40 17.57 -21.26
C LEU A 365 2.05 17.70 -22.71
N LEU A 366 1.40 16.68 -23.29
CA LEU A 366 1.02 16.72 -24.71
C LEU A 366 0.05 17.89 -24.86
N LEU A 367 -0.96 17.97 -24.00
CA LEU A 367 -1.89 19.11 -24.08
C LEU A 367 -1.16 20.45 -24.07
N VAL A 368 -0.31 20.67 -23.06
CA VAL A 368 0.23 22.00 -22.83
C VAL A 368 1.35 22.36 -23.81
N GLN A 369 2.02 21.36 -24.39
CA GLN A 369 3.08 21.60 -25.39
C GLN A 369 2.54 21.68 -26.84
N SER A 370 1.23 21.51 -26.99
CA SER A 370 0.60 21.49 -28.32
C SER A 370 0.17 22.90 -28.74
N ASP A 371 -0.44 22.97 -29.91
CA ASP A 371 -1.00 24.23 -30.43
C ASP A 371 -2.27 24.68 -29.70
N LEU A 372 -2.70 23.89 -28.72
CA LEU A 372 -3.80 24.26 -27.82
C LEU A 372 -3.40 25.43 -26.90
N TYR A 373 -2.10 25.59 -26.71
CA TYR A 373 -1.56 26.65 -25.85
C TYR A 373 -0.38 27.36 -26.48
N THR A 374 -0.11 28.55 -25.95
CA THR A 374 1.16 29.22 -26.21
C THR A 374 1.55 29.84 -24.88
N LEU A 375 2.77 30.33 -24.81
CA LEU A 375 3.28 30.99 -23.63
C LEU A 375 3.29 32.49 -23.86
N VAL A 376 2.57 33.21 -23.02
CA VAL A 376 2.53 34.66 -23.04
C VAL A 376 2.93 35.21 -21.68
N ASP A 377 4.06 35.89 -21.63
CA ASP A 377 4.51 36.54 -20.40
C ASP A 377 4.60 35.56 -19.22
N GLY A 378 5.10 34.36 -19.51
CA GLY A 378 5.28 33.31 -18.51
C GLY A 378 4.03 32.52 -18.19
N PHE A 379 2.92 32.84 -18.83
CA PHE A 379 1.66 32.14 -18.55
C PHE A 379 1.26 31.26 -19.71
N VAL A 380 0.94 30.00 -19.43
CA VAL A 380 0.45 29.05 -20.45
C VAL A 380 -0.97 29.43 -20.85
N THR A 381 -1.13 29.89 -22.10
CA THR A 381 -2.32 30.67 -22.50
C THR A 381 -3.07 29.90 -23.58
N ARG A 382 -4.33 29.59 -23.31
CA ARG A 382 -5.10 28.73 -24.24
C ARG A 382 -5.37 29.41 -25.58
N ASN A 383 -5.28 28.60 -26.62
CA ASN A 383 -5.59 29.03 -28.00
C ASN A 383 -7.07 29.31 -28.14
N LYS A 384 -7.39 30.55 -28.47
CA LYS A 384 -8.78 31.00 -28.57
C LYS A 384 -9.50 30.41 -29.79
N ALA A 385 -8.74 29.90 -30.75
CA ALA A 385 -9.34 29.27 -31.94
C ALA A 385 -10.13 28.00 -31.62
N ARG A 386 -9.84 27.33 -30.50
CA ARG A 386 -10.58 26.12 -30.17
C ARG A 386 -12.03 26.38 -29.81
N THR A 387 -12.91 25.59 -30.40
CA THR A 387 -14.35 25.67 -30.17
C THR A 387 -14.69 25.18 -28.76
N ASN A 388 -14.50 23.89 -28.51
CA ASN A 388 -14.77 23.32 -27.22
C ASN A 388 -13.97 23.99 -26.10
N PRO A 389 -14.67 24.54 -25.08
CA PRO A 389 -13.99 25.09 -23.91
C PRO A 389 -13.30 24.00 -23.08
N SER A 390 -13.66 22.75 -23.33
CA SER A 390 -13.02 21.61 -22.68
C SER A 390 -11.82 21.12 -23.50
N ASN A 391 -10.76 20.67 -22.82
CA ASN A 391 -9.61 20.10 -23.51
C ASN A 391 -9.91 18.67 -23.97
N PRO A 392 -9.26 18.22 -25.06
CA PRO A 392 -9.51 16.85 -25.50
C PRO A 392 -8.92 15.86 -24.50
N SER A 393 -9.52 14.69 -24.37
CA SER A 393 -8.98 13.68 -23.49
CA SER A 393 -9.01 13.64 -23.51
C SER A 393 -7.80 13.02 -24.19
N ILE A 394 -6.71 12.83 -23.45
CA ILE A 394 -5.51 12.15 -23.98
C ILE A 394 -5.18 10.99 -23.07
N GLU A 395 -5.13 9.78 -23.62
CA GLU A 395 -4.72 8.63 -22.86
C GLU A 395 -3.55 7.96 -23.62
N LEU A 396 -2.41 7.83 -22.94
CA LEU A 396 -1.23 7.19 -23.53
C LEU A 396 -0.80 6.00 -22.71
N GLY A 397 -0.28 4.98 -23.39
CA GLY A 397 0.16 3.78 -22.71
C GLY A 397 1.42 3.99 -21.89
N PRO A 398 1.85 2.95 -21.14
CA PRO A 398 3.04 3.09 -20.29
C PRO A 398 4.33 3.36 -21.07
N GLU A 399 4.33 3.08 -22.37
CA GLU A 399 5.45 3.44 -23.26
C GLU A 399 5.80 4.93 -23.20
N PHE A 400 4.80 5.75 -22.85
CA PHE A 400 4.92 7.19 -22.80
C PHE A 400 5.04 7.79 -21.40
N LYS A 401 5.19 6.94 -20.38
CA LYS A 401 5.07 7.39 -18.96
C LYS A 401 6.16 8.38 -18.54
N LYS A 402 7.40 8.05 -18.86
CA LYS A 402 8.59 8.85 -18.54
C LYS A 402 8.65 10.06 -19.48
N VAL A 403 8.88 11.24 -18.92
CA VAL A 403 9.03 12.45 -19.76
C VAL A 403 10.00 12.26 -20.95
N ALA A 404 11.21 11.73 -20.71
CA ALA A 404 12.16 11.46 -21.82
C ALA A 404 11.58 10.61 -22.94
N THR A 405 10.87 9.55 -22.56
CA THR A 405 10.32 8.60 -23.52
C THR A 405 9.15 9.18 -24.29
N PHE A 406 8.22 9.81 -23.59
CA PHE A 406 7.20 10.67 -24.19
C PHE A 406 7.77 11.59 -25.29
N LEU A 407 8.78 12.39 -24.95
CA LEU A 407 9.35 13.32 -25.91
C LEU A 407 9.95 12.60 -27.10
N SER A 408 10.65 11.48 -26.84
CA SER A 408 11.24 10.72 -27.91
C SER A 408 10.17 10.18 -28.90
N ARG A 409 8.95 9.91 -28.42
CA ARG A 409 7.92 9.30 -29.30
C ARG A 409 7.13 10.35 -30.12
N PHE A 410 7.42 11.61 -29.92
CA PHE A 410 6.79 12.72 -30.67
C PHE A 410 7.83 13.63 -31.30
N LYS A 411 8.10 13.47 -32.60
CA LYS A 411 9.08 14.34 -33.29
C LYS A 411 8.67 15.79 -33.18
N SER A 412 7.37 16.02 -33.29
CA SER A 412 6.78 17.29 -32.81
C SER A 412 5.47 16.91 -32.15
N ILE A 413 4.94 17.78 -31.30
CA ILE A 413 3.62 17.55 -30.72
C ILE A 413 2.55 17.78 -31.79
N PRO A 414 1.72 16.75 -32.09
CA PRO A 414 0.73 16.94 -33.16
C PRO A 414 -0.23 18.10 -32.87
N SER A 415 -0.81 18.65 -33.92
CA SER A 415 -1.88 19.64 -33.78
C SER A 415 -3.15 18.95 -33.24
N ILE A 416 -3.77 19.54 -32.22
CA ILE A 416 -4.94 18.92 -31.58
C ILE A 416 -6.07 19.90 -31.33
N VAL A 417 -6.01 21.07 -31.99
CA VAL A 417 -7.03 22.11 -31.75
C VAL A 417 -8.42 21.63 -32.07
N GLU A 418 -8.49 20.71 -33.04
CA GLU A 418 -9.72 20.07 -33.49
C GLU A 418 -9.93 18.64 -32.97
N LEU A 419 -9.13 18.23 -32.00
CA LEU A 419 -9.20 16.91 -31.41
C LEU A 419 -10.30 16.83 -30.34
N ASP A 420 -11.03 15.72 -30.33
CA ASP A 420 -11.98 15.42 -29.27
C ASP A 420 -11.32 14.50 -28.27
N SER A 421 -10.68 13.44 -28.77
CA SER A 421 -10.00 12.46 -27.89
C SER A 421 -8.95 11.66 -28.63
N LEU A 422 -7.89 11.34 -27.90
CA LEU A 422 -6.84 10.45 -28.38
C LEU A 422 -6.61 9.37 -27.36
N LYS A 423 -6.58 8.12 -27.82
CA LYS A 423 -6.06 7.01 -27.01
C LYS A 423 -4.96 6.33 -27.84
N VAL A 424 -3.78 6.18 -27.21
CA VAL A 424 -2.65 5.43 -27.80
C VAL A 424 -2.22 4.27 -26.90
N SER A 425 -2.07 3.09 -27.50
CA SER A 425 -1.56 1.93 -26.76
C SER A 425 -0.58 1.18 -27.65
N GLY A 426 0.34 0.45 -27.00
CA GLY A 426 1.36 -0.28 -27.70
C GLY A 426 2.51 0.61 -28.12
N ASP A 427 3.45 0.02 -28.85
CA ASP A 427 4.70 0.65 -29.27
C ASP A 427 4.50 1.60 -30.45
N VAL A 428 4.10 2.82 -30.17
CA VAL A 428 3.71 3.80 -31.18
C VAL A 428 4.63 5.00 -31.17
N TRP A 429 5.05 5.41 -32.36
CA TRP A 429 5.96 6.54 -32.56
C TRP A 429 5.31 7.55 -33.46
N PHE A 430 5.38 8.82 -33.11
CA PHE A 430 4.82 9.87 -33.97
C PHE A 430 5.88 10.69 -34.67
N GLY A 431 5.66 10.92 -35.97
CA GLY A 431 6.51 11.83 -36.74
C GLY A 431 6.14 13.30 -36.48
N SER A 432 6.62 14.20 -37.33
CA SER A 432 6.37 15.61 -37.13
C SER A 432 5.21 16.17 -37.94
N SER A 433 4.71 17.32 -37.51
CA SER A 433 3.70 18.09 -38.25
C SER A 433 2.42 17.27 -38.45
N ILE A 434 2.11 16.41 -37.50
CA ILE A 434 0.88 15.57 -37.57
C ILE A 434 -0.34 16.41 -37.18
N VAL A 435 -1.50 16.13 -37.77
CA VAL A 435 -2.74 16.79 -37.39
C VAL A 435 -3.75 15.73 -36.92
N LEU A 436 -4.28 15.88 -35.71
CA LEU A 436 -5.31 14.98 -35.19
C LEU A 436 -6.66 15.68 -35.00
N LYS A 437 -7.76 15.04 -35.45
CA LYS A 437 -9.12 15.61 -35.37
C LYS A 437 -10.15 14.57 -34.93
N GLY A 438 -11.13 15.01 -34.16
CA GLY A 438 -12.25 14.16 -33.73
C GLY A 438 -11.74 13.09 -32.77
N LYS A 439 -12.17 11.83 -32.97
CA LYS A 439 -11.87 10.80 -31.99
C LYS A 439 -10.87 9.88 -32.64
N VAL A 440 -9.71 9.74 -32.01
CA VAL A 440 -8.59 9.02 -32.62
C VAL A 440 -8.07 7.95 -31.69
N THR A 441 -7.87 6.74 -32.23
CA THR A 441 -7.16 5.72 -31.47
C THR A 441 -6.04 5.15 -32.31
N VAL A 442 -4.95 4.83 -31.64
CA VAL A 442 -3.82 4.20 -32.30
C VAL A 442 -3.46 3.05 -31.39
N ALA A 443 -3.58 1.84 -31.89
CA ALA A 443 -3.38 0.64 -31.08
C ALA A 443 -2.44 -0.35 -31.79
N ALA A 444 -1.18 -0.37 -31.37
CA ALA A 444 -0.23 -1.34 -31.88
C ALA A 444 -0.31 -2.66 -31.09
N LYS A 445 -0.54 -3.76 -31.80
CA LYS A 445 -0.63 -5.09 -31.14
C LYS A 445 0.72 -5.55 -30.56
N SER A 446 0.67 -6.63 -29.77
CA SER A 446 1.86 -7.27 -29.21
C SER A 446 2.94 -7.49 -30.27
N GLY A 447 4.14 -6.99 -30.02
CA GLY A 447 5.28 -7.24 -30.91
C GLY A 447 5.32 -6.36 -32.16
N VAL A 448 4.35 -5.45 -32.28
CA VAL A 448 4.32 -4.50 -33.39
C VAL A 448 4.82 -3.11 -32.98
N LYS A 449 5.62 -2.50 -33.84
CA LYS A 449 5.92 -1.08 -33.73
C LYS A 449 5.23 -0.33 -34.88
N LEU A 450 4.44 0.67 -34.50
CA LEU A 450 3.68 1.50 -35.45
C LEU A 450 4.25 2.89 -35.49
N GLU A 451 4.61 3.34 -36.70
CA GLU A 451 5.08 4.70 -36.90
C GLU A 451 4.05 5.54 -37.63
N ILE A 452 3.61 6.63 -37.00
CA ILE A 452 2.71 7.56 -37.66
C ILE A 452 3.58 8.57 -38.45
N PRO A 453 3.40 8.59 -39.78
CA PRO A 453 4.43 9.29 -40.57
C PRO A 453 4.33 10.81 -40.49
N ASP A 454 5.37 11.51 -40.96
CA ASP A 454 5.27 12.98 -40.93
C ASP A 454 4.07 13.49 -41.74
N ARG A 455 3.45 14.55 -41.25
CA ARG A 455 2.34 15.25 -41.93
C ARG A 455 1.07 14.39 -42.07
N ALA A 456 1.00 13.27 -41.36
CA ALA A 456 -0.23 12.47 -41.36
C ALA A 456 -1.37 13.35 -40.86
N VAL A 457 -2.52 13.26 -41.53
CA VAL A 457 -3.74 13.86 -40.99
C VAL A 457 -4.73 12.75 -40.64
N VAL A 458 -5.05 12.63 -39.34
CA VAL A 458 -5.84 11.54 -38.82
C VAL A 458 -7.12 12.09 -38.23
N GLU A 459 -8.27 11.70 -38.80
CA GLU A 459 -9.56 12.23 -38.34
C GLU A 459 -10.57 11.10 -38.14
N ASN A 460 -11.08 11.00 -36.90
CA ASN A 460 -12.14 10.06 -36.57
C ASN A 460 -11.77 8.66 -37.08
N LYS A 461 -10.59 8.19 -36.67
CA LYS A 461 -10.00 6.97 -37.17
C LYS A 461 -9.46 6.08 -36.06
N ASN A 462 -9.62 4.78 -36.22
CA ASN A 462 -8.91 3.83 -35.35
C ASN A 462 -7.82 3.19 -36.22
N ILE A 463 -6.57 3.38 -35.81
CA ILE A 463 -5.43 2.81 -36.48
C ILE A 463 -4.99 1.60 -35.67
N ASN A 464 -5.17 0.42 -36.23
CA ASN A 464 -4.94 -0.83 -35.45
C ASN A 464 -3.74 -1.61 -35.90
N GLY A 465 -2.98 -1.05 -36.83
CA GLY A 465 -1.86 -1.75 -37.39
C GLY A 465 -1.46 -1.01 -38.64
N PRO A 466 -0.34 -1.44 -39.27
CA PRO A 466 0.17 -0.75 -40.47
C PRO A 466 -0.84 -0.81 -41.59
N GLU A 467 -1.66 -1.86 -41.60
CA GLU A 467 -2.73 -1.97 -42.60
C GLU A 467 -3.63 -0.74 -42.61
N ASP A 468 -3.65 0.00 -41.49
CA ASP A 468 -4.52 1.18 -41.32
C ASP A 468 -3.82 2.50 -41.62
N LEU A 469 -2.52 2.43 -41.90
CA LEU A 469 -1.61 3.57 -42.13
C LEU A 469 -0.73 3.85 -40.89
N LEU B 8 -18.92 -5.41 -14.56
CA LEU B 8 -18.68 -6.89 -14.56
C LEU B 8 -18.71 -7.50 -15.97
N PRO B 9 -19.79 -7.26 -16.76
CA PRO B 9 -19.75 -7.56 -18.20
C PRO B 9 -18.42 -7.22 -18.89
N GLN B 10 -17.91 -6.00 -18.69
CA GLN B 10 -16.64 -5.62 -19.29
C GLN B 10 -15.48 -6.50 -18.81
N LEU B 11 -15.36 -6.71 -17.50
CA LEU B 11 -14.22 -7.45 -16.98
C LEU B 11 -14.23 -8.89 -17.51
N LYS B 12 -15.39 -9.56 -17.43
CA LYS B 12 -15.53 -10.93 -17.91
C LYS B 12 -15.13 -11.02 -19.41
N SER B 13 -15.52 -10.01 -20.17
CA SER B 13 -15.15 -9.90 -21.57
C SER B 13 -13.63 -9.91 -21.79
N ALA B 14 -12.90 -9.07 -21.04
CA ALA B 14 -11.44 -9.02 -21.14
C ALA B 14 -10.81 -10.37 -20.73
N VAL B 15 -11.23 -10.89 -19.58
CA VAL B 15 -10.75 -12.20 -19.10
C VAL B 15 -10.99 -13.30 -20.14
N ASP B 16 -12.17 -13.28 -20.75
CA ASP B 16 -12.49 -14.22 -21.82
C ASP B 16 -11.51 -14.11 -23.00
N GLY B 17 -10.83 -12.97 -23.10
CA GLY B 17 -9.79 -12.76 -24.12
C GLY B 17 -8.38 -13.13 -23.74
N LEU B 18 -8.16 -13.52 -22.48
CA LEU B 18 -6.86 -13.95 -22.01
C LEU B 18 -6.62 -15.46 -22.28
N THR B 19 -5.95 -15.78 -23.38
CA THR B 19 -5.71 -17.18 -23.81
C THR B 19 -4.85 -18.01 -22.84
N GLU B 20 -4.00 -17.35 -22.07
CA GLU B 20 -3.12 -18.04 -21.14
C GLU B 20 -3.89 -18.64 -19.95
N MET B 21 -5.08 -18.11 -19.68
CA MET B 21 -5.89 -18.62 -18.58
C MET B 21 -6.68 -19.84 -19.03
N SER B 22 -6.66 -20.91 -18.23
CA SER B 22 -7.48 -22.09 -18.48
C SER B 22 -8.96 -21.72 -18.30
N GLU B 23 -9.88 -22.49 -18.86
CA GLU B 23 -11.30 -22.19 -18.65
C GLU B 23 -11.75 -22.14 -17.16
N SER B 24 -11.20 -23.01 -16.32
CA SER B 24 -11.58 -23.03 -14.90
C SER B 24 -11.00 -21.83 -14.11
N GLU B 25 -9.82 -21.36 -14.52
CA GLU B 25 -9.23 -20.15 -13.92
C GLU B 25 -10.07 -18.93 -14.28
N LYS B 26 -10.50 -18.84 -15.54
CA LYS B 26 -11.36 -17.74 -15.95
C LYS B 26 -12.64 -17.71 -15.09
N SER B 27 -13.31 -18.84 -14.97
CA SER B 27 -14.54 -18.85 -14.20
C SER B 27 -14.30 -18.64 -12.73
N GLY B 28 -13.19 -19.19 -12.20
CA GLY B 28 -12.83 -19.00 -10.79
C GLY B 28 -12.55 -17.52 -10.50
N PHE B 29 -11.80 -16.88 -11.39
CA PHE B 29 -11.49 -15.44 -11.22
C PHE B 29 -12.73 -14.57 -11.31
N ILE B 30 -13.56 -14.81 -12.33
CA ILE B 30 -14.78 -14.02 -12.47
C ILE B 30 -15.72 -14.20 -11.29
N SER B 31 -15.76 -15.39 -10.73
CA SER B 31 -16.51 -15.60 -9.50
C SER B 31 -16.05 -14.67 -8.35
N LEU B 32 -14.74 -14.58 -8.12
CA LEU B 32 -14.18 -13.65 -7.12
C LEU B 32 -14.49 -12.19 -7.39
N VAL B 33 -14.27 -11.78 -8.64
CA VAL B 33 -14.58 -10.43 -9.10
C VAL B 33 -16.04 -10.07 -8.84
N SER B 34 -16.94 -10.99 -9.22
CA SER B 34 -18.37 -10.81 -8.97
C SER B 34 -18.68 -10.47 -7.53
N ARG B 35 -18.06 -11.20 -6.60
CA ARG B 35 -18.31 -11.08 -5.18
C ARG B 35 -17.69 -9.79 -4.66
N TYR B 36 -16.51 -9.47 -5.18
CA TYR B 36 -15.86 -8.21 -4.85
C TYR B 36 -16.75 -7.00 -5.23
N LEU B 37 -17.29 -7.04 -6.45
CA LEU B 37 -18.18 -5.97 -6.95
C LEU B 37 -19.57 -6.01 -6.31
N SER B 38 -20.10 -7.22 -6.09
CA SER B 38 -21.33 -7.42 -5.34
C SER B 38 -21.30 -6.67 -4.00
N GLY B 39 -20.20 -6.87 -3.26
CA GLY B 39 -20.09 -6.42 -1.88
C GLY B 39 -20.75 -7.42 -0.95
N GLN B 42 -21.82 -11.78 3.81
CA GLN B 42 -22.15 -11.92 5.23
C GLN B 42 -21.82 -10.63 5.97
N HIS B 43 -22.85 -9.97 6.46
CA HIS B 43 -22.60 -8.86 7.34
C HIS B 43 -22.79 -9.32 8.75
N ILE B 44 -21.73 -9.12 9.52
CA ILE B 44 -21.54 -9.63 10.85
C ILE B 44 -22.20 -8.69 11.84
N GLU B 45 -23.17 -9.22 12.58
CA GLU B 45 -23.75 -8.51 13.69
CA GLU B 45 -23.77 -8.51 13.68
C GLU B 45 -22.92 -8.77 14.93
N TRP B 46 -22.20 -7.75 15.37
CA TRP B 46 -21.27 -7.85 16.49
C TRP B 46 -21.86 -8.49 17.73
N SER B 47 -23.09 -8.11 18.05
CA SER B 47 -23.80 -8.58 19.23
C SER B 47 -24.10 -10.07 19.18
N LYS B 48 -23.95 -10.65 17.98
CA LYS B 48 -24.28 -12.05 17.75
C LYS B 48 -23.02 -12.91 17.83
N ILE B 49 -21.85 -12.29 17.92
CA ILE B 49 -20.57 -13.03 18.03
C ILE B 49 -20.51 -13.68 19.40
N GLN B 50 -20.12 -14.94 19.43
CA GLN B 50 -19.93 -15.63 20.68
C GLN B 50 -18.56 -16.27 20.76
N THR B 51 -18.09 -16.47 21.99
CA THR B 51 -16.87 -17.22 22.21
C THR B 51 -17.21 -18.70 22.03
N PRO B 52 -16.40 -19.43 21.24
CA PRO B 52 -16.72 -20.86 21.12
C PRO B 52 -16.52 -21.54 22.47
N THR B 53 -17.39 -22.51 22.76
CA THR B 53 -17.23 -23.37 23.92
C THR B 53 -16.09 -24.35 23.66
N ASP B 54 -15.68 -25.04 24.72
CA ASP B 54 -14.64 -26.09 24.60
C ASP B 54 -15.11 -27.28 23.76
N GLU B 55 -16.40 -27.30 23.40
CA GLU B 55 -16.94 -28.34 22.52
C GLU B 55 -16.66 -27.99 21.06
N ILE B 56 -16.48 -26.70 20.77
CA ILE B 56 -16.27 -26.23 19.41
C ILE B 56 -14.81 -25.88 19.16
N VAL B 57 -14.14 -25.32 20.16
CA VAL B 57 -12.70 -25.17 20.08
C VAL B 57 -12.17 -26.11 21.17
N VAL B 58 -11.76 -27.29 20.72
CA VAL B 58 -11.35 -28.37 21.60
C VAL B 58 -9.93 -28.18 22.13
N PRO B 59 -9.77 -28.10 23.48
CA PRO B 59 -8.41 -28.10 23.99
C PRO B 59 -7.71 -29.40 23.57
N TYR B 60 -6.46 -29.28 23.09
CA TYR B 60 -5.72 -30.45 22.55
C TYR B 60 -5.61 -31.51 23.63
N GLU B 61 -5.51 -31.04 24.87
CA GLU B 61 -5.27 -31.93 26.01
C GLU B 61 -6.46 -32.87 26.26
N LYS B 62 -7.63 -32.50 25.75
CA LYS B 62 -8.83 -33.31 25.94
C LYS B 62 -9.02 -34.44 24.91
N MET B 63 -8.22 -34.45 23.83
CA MET B 63 -8.38 -35.46 22.81
C MET B 63 -7.71 -36.81 23.13
N THR B 64 -8.28 -37.90 22.64
CA THR B 64 -7.82 -39.28 22.87
C THR B 64 -6.69 -39.73 21.96
N PRO B 65 -5.50 -40.04 22.54
CA PRO B 65 -4.36 -40.49 21.73
C PRO B 65 -4.59 -41.85 21.05
N VAL B 66 -3.80 -42.18 20.04
CA VAL B 66 -3.93 -43.53 19.41
C VAL B 66 -3.53 -44.61 20.42
N SER B 67 -3.92 -45.85 20.15
CA SER B 67 -3.67 -46.97 21.04
C SER B 67 -2.31 -47.57 20.78
N GLN B 68 -2.01 -48.64 21.51
CA GLN B 68 -0.72 -49.32 21.38
C GLN B 68 -0.66 -50.26 20.17
N ASP B 69 -1.80 -50.50 19.53
CA ASP B 69 -1.83 -51.39 18.38
C ASP B 69 -1.42 -50.60 17.14
N VAL B 70 -0.25 -50.92 16.60
CA VAL B 70 0.34 -50.15 15.50
C VAL B 70 -0.57 -50.20 14.27
N ALA B 71 -1.51 -51.14 14.24
CA ALA B 71 -2.39 -51.23 13.09
C ALA B 71 -3.19 -49.93 13.02
N GLU B 72 -3.50 -49.33 14.18
CA GLU B 72 -4.30 -48.08 14.23
C GLU B 72 -3.47 -46.87 13.70
N THR B 73 -2.23 -46.77 14.16
CA THR B 73 -1.29 -45.74 13.67
C THR B 73 -1.15 -45.82 12.17
N LYS B 74 -0.89 -47.02 11.67
CA LYS B 74 -0.76 -47.21 10.21
C LYS B 74 -2.06 -46.94 9.47
N ASN B 75 -3.19 -47.50 9.95
CA ASN B 75 -4.47 -47.23 9.27
C ASN B 75 -4.81 -45.75 9.19
N LEU B 76 -4.47 -44.99 10.24
CA LEU B 76 -4.75 -43.52 10.27
C LEU B 76 -3.84 -42.77 9.31
N LEU B 77 -2.56 -43.13 9.33
CA LEU B 77 -1.54 -42.59 8.38
C LEU B 77 -1.94 -42.90 6.95
N ASP B 78 -2.46 -44.11 6.71
CA ASP B 78 -2.95 -44.56 5.41
C ASP B 78 -4.13 -43.73 4.90
N LYS B 79 -4.75 -42.99 5.79
CA LYS B 79 -5.87 -42.13 5.42
C LYS B 79 -5.53 -40.68 5.18
N LEU B 80 -4.22 -40.36 5.24
CA LEU B 80 -3.81 -38.96 5.33
C LEU B 80 -3.03 -38.49 4.09
N VAL B 81 -3.38 -37.29 3.60
CA VAL B 81 -2.52 -36.56 2.67
C VAL B 81 -1.88 -35.37 3.40
N VAL B 82 -0.57 -35.16 3.19
CA VAL B 82 0.12 -33.99 3.78
C VAL B 82 0.38 -32.99 2.68
N LEU B 83 -0.21 -31.80 2.82
CA LEU B 83 -0.04 -30.72 1.86
C LEU B 83 0.63 -29.49 2.48
N LYS B 84 1.56 -28.91 1.73
CA LYS B 84 2.25 -27.71 2.17
C LYS B 84 1.89 -26.60 1.20
N LEU B 85 1.44 -25.48 1.75
CA LEU B 85 1.19 -24.30 0.96
C LEU B 85 2.54 -23.70 0.52
N ASN B 86 2.79 -23.72 -0.79
CA ASN B 86 4.11 -23.34 -1.31
C ASN B 86 4.10 -22.43 -2.56
N GLY B 87 3.06 -21.59 -2.67
CA GLY B 87 2.81 -20.79 -3.86
C GLY B 87 3.20 -19.33 -3.71
N GLY B 88 3.47 -18.93 -2.47
CA GLY B 88 3.82 -17.55 -2.12
C GLY B 88 5.32 -17.33 -2.30
N LEU B 89 5.65 -16.12 -2.67
CA LEU B 89 7.04 -15.68 -2.77
C LEU B 89 7.55 -15.14 -1.44
N GLY B 90 8.82 -15.39 -1.14
CA GLY B 90 9.44 -14.77 0.01
C GLY B 90 9.99 -13.40 -0.33
N THR B 91 9.23 -12.62 -1.09
CA THR B 91 9.74 -11.32 -1.54
C THR B 91 9.99 -10.34 -0.35
N THR B 92 9.20 -10.48 0.72
CA THR B 92 9.42 -9.71 1.97
C THR B 92 10.85 -9.85 2.54
N MET B 93 11.42 -11.03 2.36
CA MET B 93 12.74 -11.40 2.87
C MET B 93 13.71 -11.50 1.69
N GLY B 94 13.30 -10.90 0.56
CA GLY B 94 14.10 -10.85 -0.66
C GLY B 94 14.45 -12.21 -1.24
N CYS B 95 13.57 -13.18 -1.01
CA CYS B 95 13.66 -14.44 -1.72
C CYS B 95 12.99 -14.18 -3.06
N THR B 96 13.53 -14.81 -4.09
CA THR B 96 12.92 -14.71 -5.41
C THR B 96 12.27 -16.05 -5.77
N GLY B 97 12.14 -16.92 -4.76
CA GLY B 97 11.36 -18.14 -4.88
C GLY B 97 10.65 -18.32 -3.55
N PRO B 98 10.26 -19.55 -3.23
CA PRO B 98 9.50 -19.74 -2.00
C PRO B 98 10.44 -19.73 -0.81
N LYS B 99 9.92 -19.37 0.37
CA LYS B 99 10.72 -19.34 1.60
C LYS B 99 11.19 -20.73 1.91
N SER B 100 10.45 -21.72 1.39
CA SER B 100 10.71 -23.11 1.73
C SER B 100 12.05 -23.65 1.26
N VAL B 101 12.69 -22.95 0.31
CA VAL B 101 13.99 -23.41 -0.18
C VAL B 101 15.18 -22.70 0.49
N ILE B 102 14.88 -21.87 1.48
CA ILE B 102 15.89 -21.41 2.41
C ILE B 102 16.48 -22.60 3.17
N GLU B 103 17.80 -22.64 3.25
CA GLU B 103 18.46 -23.59 4.14
C GLU B 103 18.23 -23.30 5.64
N VAL B 104 17.80 -24.31 6.36
CA VAL B 104 17.65 -24.23 7.81
C VAL B 104 18.99 -24.51 8.54
N ARG B 105 19.42 -25.75 8.51
CA ARG B 105 20.69 -26.14 9.08
C ARG B 105 21.12 -27.39 8.40
N ASP B 106 22.42 -27.66 8.50
CA ASP B 106 23.04 -28.89 7.96
C ASP B 106 22.80 -29.05 6.47
N GLY B 107 22.63 -27.93 5.78
CA GLY B 107 22.37 -27.95 4.33
C GLY B 107 20.98 -28.40 3.91
N LEU B 108 20.07 -28.54 4.86
CA LEU B 108 18.70 -28.93 4.54
C LEU B 108 17.78 -27.75 4.61
N THR B 109 16.98 -27.64 3.58
CA THR B 109 15.97 -26.59 3.46
C THR B 109 14.70 -27.03 4.21
N PHE B 110 13.74 -26.12 4.35
CA PHE B 110 12.42 -26.48 4.89
C PHE B 110 11.84 -27.66 4.11
N LEU B 111 11.95 -27.67 2.78
CA LEU B 111 11.36 -28.74 2.00
C LEU B 111 12.04 -30.08 2.29
N ASP B 112 13.38 -30.06 2.40
CA ASP B 112 14.16 -31.26 2.78
C ASP B 112 13.66 -31.79 4.11
N LEU B 113 13.56 -30.92 5.11
CA LEU B 113 13.16 -31.36 6.45
C LEU B 113 11.75 -31.99 6.42
N ILE B 114 10.85 -31.41 5.61
CA ILE B 114 9.46 -31.92 5.51
C ILE B 114 9.48 -33.32 4.82
N VAL B 115 10.22 -33.45 3.73
CA VAL B 115 10.33 -34.75 3.05
C VAL B 115 10.82 -35.78 4.04
N ILE B 116 11.81 -35.41 4.85
CA ILE B 116 12.41 -36.33 5.82
C ILE B 116 11.36 -36.76 6.86
N GLN B 117 10.49 -35.83 7.31
CA GLN B 117 9.42 -36.14 8.26
C GLN B 117 8.58 -37.28 7.71
N ILE B 118 8.24 -37.17 6.42
CA ILE B 118 7.27 -38.08 5.81
C ILE B 118 7.92 -39.43 5.49
N GLU B 119 9.14 -39.39 4.95
CA GLU B 119 9.92 -40.63 4.77
C GLU B 119 10.10 -41.33 6.11
N ASN B 120 10.29 -40.57 7.19
CA ASN B 120 10.50 -41.17 8.52
C ASN B 120 9.24 -41.98 8.94
N LEU B 121 8.06 -41.39 8.74
CA LEU B 121 6.78 -42.09 9.01
C LEU B 121 6.60 -43.31 8.10
N ASN B 122 6.92 -43.17 6.82
CA ASN B 122 6.67 -44.28 5.87
C ASN B 122 7.57 -45.47 6.19
N ASN B 123 8.78 -45.15 6.63
CA ASN B 123 9.80 -46.16 6.94
C ASN B 123 9.50 -46.83 8.29
N LYS B 124 8.94 -46.09 9.23
CA LYS B 124 8.63 -46.64 10.54
C LYS B 124 7.39 -47.56 10.49
N TYR B 125 6.38 -47.17 9.72
CA TYR B 125 5.04 -47.76 9.83
C TYR B 125 4.60 -48.54 8.60
N GLY B 126 5.28 -48.35 7.47
CA GLY B 126 4.89 -49.07 6.26
C GLY B 126 3.77 -48.42 5.44
N CYS B 127 3.30 -47.26 5.91
CA CYS B 127 2.33 -46.44 5.19
C CYS B 127 3.06 -45.80 4.00
N LYS B 128 2.29 -45.23 3.07
CA LYS B 128 2.83 -44.52 1.93
C LYS B 128 2.14 -43.17 1.90
N VAL B 129 2.38 -42.38 2.94
CA VAL B 129 1.78 -41.05 3.05
C VAL B 129 2.32 -40.22 1.90
N PRO B 130 1.43 -39.66 1.06
CA PRO B 130 1.91 -38.74 0.00
C PRO B 130 2.20 -37.33 0.57
N LEU B 131 3.24 -36.70 0.04
CA LEU B 131 3.50 -35.27 0.33
C LEU B 131 3.06 -34.47 -0.89
N VAL B 132 2.20 -33.46 -0.71
CA VAL B 132 1.75 -32.64 -1.84
C VAL B 132 2.24 -31.20 -1.65
N LEU B 133 2.96 -30.65 -2.64
CA LEU B 133 3.40 -29.25 -2.62
C LEU B 133 2.55 -28.42 -3.56
N MET B 134 1.86 -27.45 -3.00
CA MET B 134 1.08 -26.58 -3.82
C MET B 134 1.95 -25.40 -4.15
N ASN B 135 2.36 -25.30 -5.42
CA ASN B 135 3.25 -24.25 -5.88
C ASN B 135 2.46 -23.22 -6.65
N SER B 136 3.16 -22.22 -7.18
CA SER B 136 2.56 -21.29 -8.15
C SER B 136 3.57 -21.17 -9.28
N PHE B 137 3.18 -20.41 -10.31
CA PHE B 137 4.12 -20.06 -11.39
C PHE B 137 5.39 -19.35 -10.88
N ASN B 138 5.30 -18.70 -9.71
CA ASN B 138 6.46 -18.05 -9.10
C ASN B 138 7.39 -18.99 -8.34
N THR B 139 6.90 -20.14 -7.91
CA THR B 139 7.71 -21.02 -7.01
C THR B 139 8.06 -22.40 -7.59
N HIS B 140 7.52 -22.69 -8.77
CA HIS B 140 7.61 -24.00 -9.39
C HIS B 140 9.08 -24.44 -9.60
N ASP B 141 9.90 -23.56 -10.17
CA ASP B 141 11.25 -23.92 -10.56
C ASP B 141 12.16 -24.25 -9.36
N ASP B 142 12.22 -23.35 -8.37
CA ASP B 142 13.07 -23.59 -7.19
C ASP B 142 12.64 -24.83 -6.40
N THR B 143 11.35 -25.08 -6.37
CA THR B 143 10.79 -26.26 -5.70
C THR B 143 11.23 -27.56 -6.35
N HIS B 144 11.14 -27.65 -7.67
CA HIS B 144 11.54 -28.87 -8.37
C HIS B 144 13.05 -29.16 -8.21
N LYS B 145 13.85 -28.11 -8.14
CA LYS B 145 15.27 -28.21 -7.80
C LYS B 145 15.54 -29.02 -6.52
N ILE B 146 14.73 -28.81 -5.48
CA ILE B 146 14.89 -29.54 -4.21
C ILE B 146 14.30 -30.95 -4.30
N VAL B 147 13.12 -31.05 -4.92
CA VAL B 147 12.33 -32.28 -5.06
C VAL B 147 12.99 -33.37 -5.91
N GLU B 148 13.70 -32.95 -6.95
CA GLU B 148 14.40 -33.86 -7.86
C GLU B 148 15.33 -34.84 -7.13
N LYS B 149 16.01 -34.37 -6.08
CA LYS B 149 16.90 -35.24 -5.29
C LYS B 149 16.24 -36.47 -4.62
N TYR B 150 14.92 -36.54 -4.57
CA TYR B 150 14.23 -37.58 -3.79
C TYR B 150 13.55 -38.71 -4.58
N THR B 151 13.97 -38.90 -5.83
CA THR B 151 13.35 -39.87 -6.74
C THR B 151 13.63 -41.33 -6.33
N ASN B 152 14.33 -41.53 -5.22
CA ASN B 152 14.53 -42.87 -4.70
C ASN B 152 14.12 -42.98 -3.23
N SER B 153 13.45 -41.94 -2.72
CA SER B 153 13.03 -41.89 -1.31
C SER B 153 11.70 -42.60 -1.14
N ASN B 154 11.45 -43.04 0.09
CA ASN B 154 10.19 -43.71 0.37
C ASN B 154 9.10 -42.69 0.65
N VAL B 155 8.84 -41.83 -0.31
CA VAL B 155 7.76 -40.85 -0.22
C VAL B 155 7.44 -40.33 -1.62
N ASP B 156 6.16 -40.37 -1.98
CA ASP B 156 5.68 -39.88 -3.24
C ASP B 156 5.52 -38.38 -3.08
N ILE B 157 6.33 -37.60 -3.77
CA ILE B 157 6.17 -36.15 -3.73
C ILE B 157 5.36 -35.69 -4.94
N HIS B 158 4.16 -35.17 -4.68
CA HIS B 158 3.27 -34.58 -5.69
C HIS B 158 3.48 -33.07 -5.71
N THR B 159 3.41 -32.48 -6.89
CA THR B 159 3.43 -31.01 -7.01
C THR B 159 2.28 -30.61 -7.95
N PHE B 160 1.75 -29.41 -7.75
CA PHE B 160 0.81 -28.78 -8.69
C PHE B 160 0.86 -27.28 -8.55
N ASN B 161 0.73 -26.57 -9.67
CA ASN B 161 0.58 -25.11 -9.55
C ASN B 161 -0.86 -24.80 -9.26
N GLN B 162 -1.05 -23.84 -8.38
CA GLN B 162 -2.38 -23.34 -8.04
C GLN B 162 -2.84 -22.37 -9.15
N SER B 163 -3.98 -21.70 -8.95
CA SER B 163 -4.55 -20.86 -10.01
C SER B 163 -3.64 -19.69 -10.33
N LYS B 164 -3.65 -19.23 -11.57
CA LYS B 164 -2.90 -18.04 -11.96
C LYS B 164 -3.90 -16.98 -12.46
N TYR B 165 -4.11 -15.91 -11.69
CA TYR B 165 -5.13 -14.91 -12.03
C TYR B 165 -4.48 -13.60 -12.45
N PRO B 166 -5.22 -12.75 -13.21
CA PRO B 166 -4.64 -11.45 -13.59
C PRO B 166 -4.85 -10.36 -12.52
N ARG B 167 -3.78 -9.66 -12.22
CA ARG B 167 -3.86 -8.39 -11.52
C ARG B 167 -4.79 -7.43 -12.28
N VAL B 168 -5.56 -6.65 -11.52
CA VAL B 168 -6.55 -5.75 -12.09
C VAL B 168 -6.11 -4.31 -11.78
N VAL B 169 -6.00 -3.49 -12.83
CA VAL B 169 -5.69 -2.07 -12.70
C VAL B 169 -6.84 -1.42 -11.95
N ALA B 170 -6.53 -0.82 -10.80
CA ALA B 170 -7.55 -0.36 -9.87
C ALA B 170 -8.52 0.67 -10.45
N ASP B 171 -8.01 1.68 -11.14
CA ASP B 171 -8.90 2.73 -11.65
C ASP B 171 -9.78 2.29 -12.81
N GLU B 172 -9.18 1.73 -13.85
CA GLU B 172 -9.92 1.31 -15.04
C GLU B 172 -10.74 0.04 -14.80
N PHE B 173 -10.37 -0.71 -13.76
CA PHE B 173 -10.93 -2.04 -13.48
C PHE B 173 -10.83 -2.95 -14.72
N VAL B 174 -9.61 -3.11 -15.19
CA VAL B 174 -9.34 -3.91 -16.36
C VAL B 174 -8.16 -4.83 -16.05
N PRO B 175 -8.24 -6.11 -16.49
CA PRO B 175 -7.07 -6.96 -16.25
C PRO B 175 -5.80 -6.35 -16.81
N TRP B 176 -4.75 -6.35 -16.01
CA TRP B 176 -3.49 -5.77 -16.43
C TRP B 176 -2.93 -6.46 -17.69
N PRO B 177 -2.97 -7.82 -17.75
CA PRO B 177 -2.54 -8.47 -19.00
C PRO B 177 -3.32 -8.06 -20.25
N SER B 178 -4.56 -7.59 -20.06
CA SER B 178 -5.35 -7.10 -21.19
C SER B 178 -4.75 -5.82 -21.75
N LYS B 179 -3.99 -5.12 -20.90
CA LYS B 179 -3.31 -3.89 -21.26
C LYS B 179 -1.90 -4.17 -21.80
N GLY B 180 -1.58 -5.44 -22.00
CA GLY B 180 -0.29 -5.84 -22.60
C GLY B 180 0.74 -6.36 -21.60
N LYS B 181 0.43 -6.24 -20.31
CA LYS B 181 1.36 -6.66 -19.25
C LYS B 181 1.31 -8.18 -19.05
N THR B 182 2.01 -8.92 -19.93
CA THR B 182 1.85 -10.38 -19.96
C THR B 182 2.97 -11.23 -19.34
N ASP B 183 4.07 -10.61 -18.92
CA ASP B 183 5.10 -11.36 -18.18
C ASP B 183 4.59 -11.72 -16.76
N LYS B 184 5.43 -12.43 -16.00
CA LYS B 184 5.14 -12.87 -14.62
C LYS B 184 4.36 -11.89 -13.75
N GLU B 185 4.67 -10.60 -13.89
CA GLU B 185 4.18 -9.53 -13.00
C GLU B 185 2.77 -9.05 -13.34
N GLY B 186 2.21 -9.56 -14.43
CA GLY B 186 0.85 -9.20 -14.78
C GLY B 186 -0.16 -10.07 -14.03
N TRP B 187 0.37 -11.06 -13.32
CA TRP B 187 -0.41 -12.17 -12.73
C TRP B 187 -0.10 -12.37 -11.24
N TYR B 188 -0.94 -13.15 -10.55
CA TYR B 188 -0.75 -13.45 -9.09
C TYR B 188 -1.46 -14.78 -8.76
N PRO B 189 -0.89 -15.56 -7.81
CA PRO B 189 -1.67 -16.66 -7.22
C PRO B 189 -2.65 -16.09 -6.19
N PRO B 190 -3.96 -16.45 -6.29
CA PRO B 190 -5.02 -15.80 -5.49
C PRO B 190 -5.19 -16.29 -4.01
N GLY B 191 -4.08 -16.35 -3.28
CA GLY B 191 -4.13 -16.65 -1.86
C GLY B 191 -4.12 -18.14 -1.56
N HIS B 192 -3.88 -18.51 -0.30
CA HIS B 192 -3.93 -19.93 0.04
C HIS B 192 -5.36 -20.49 0.07
N GLY B 193 -6.37 -19.62 0.08
CA GLY B 193 -7.77 -20.08 -0.05
C GLY B 193 -8.06 -20.81 -1.34
N ASP B 194 -7.19 -20.56 -2.32
CA ASP B 194 -7.23 -21.18 -3.66
C ASP B 194 -6.86 -22.66 -3.54
N VAL B 195 -6.36 -23.09 -2.38
CA VAL B 195 -5.96 -24.50 -2.22
C VAL B 195 -7.14 -25.48 -2.49
N PHE B 196 -8.36 -25.09 -2.16
CA PHE B 196 -9.52 -25.98 -2.35
C PHE B 196 -9.87 -26.18 -3.83
N PRO B 197 -10.20 -25.11 -4.57
CA PRO B 197 -10.46 -25.37 -6.02
C PRO B 197 -9.23 -25.88 -6.77
N ALA B 198 -8.03 -25.45 -6.39
CA ALA B 198 -6.82 -25.86 -7.11
C ALA B 198 -6.51 -27.31 -6.91
N LEU B 199 -6.74 -27.82 -5.70
CA LEU B 199 -6.54 -29.23 -5.45
C LEU B 199 -7.57 -30.02 -6.27
N MET B 200 -8.79 -29.49 -6.42
CA MET B 200 -9.77 -30.09 -7.33
C MET B 200 -9.36 -29.98 -8.82
N ASN B 201 -9.02 -28.79 -9.29
CA ASN B 201 -8.60 -28.56 -10.69
C ASN B 201 -7.39 -29.35 -11.16
N SER B 202 -6.47 -29.63 -10.23
CA SER B 202 -5.25 -30.40 -10.53
C SER B 202 -5.51 -31.88 -10.75
N GLY B 203 -6.70 -32.34 -10.41
CA GLY B 203 -7.04 -33.77 -10.44
C GLY B 203 -6.53 -34.56 -9.23
N LYS B 204 -5.71 -33.95 -8.39
CA LYS B 204 -5.07 -34.69 -7.30
C LYS B 204 -6.09 -35.09 -6.21
N LEU B 205 -7.07 -34.23 -5.95
CA LEU B 205 -8.12 -34.54 -4.96
C LEU B 205 -8.84 -35.85 -5.32
N ASP B 206 -9.29 -35.96 -6.57
CA ASP B 206 -9.95 -37.18 -7.03
C ASP B 206 -9.02 -38.41 -6.93
N THR B 207 -7.76 -38.22 -7.32
CA THR B 207 -6.73 -39.28 -7.21
C THR B 207 -6.65 -39.81 -5.76
N PHE B 208 -6.52 -38.91 -4.79
CA PHE B 208 -6.42 -39.36 -3.39
C PHE B 208 -7.71 -40.02 -2.87
N LEU B 209 -8.85 -39.40 -3.14
CA LEU B 209 -10.14 -40.04 -2.91
C LEU B 209 -10.20 -41.48 -3.46
N SER B 210 -9.83 -41.67 -4.73
CA SER B 210 -9.93 -43.01 -5.30
C SER B 210 -8.96 -44.00 -4.63
N GLN B 211 -7.95 -43.49 -3.91
CA GLN B 211 -7.02 -44.34 -3.14
C GLN B 211 -7.42 -44.54 -1.68
N GLY B 212 -8.52 -43.92 -1.26
CA GLY B 212 -9.06 -44.19 0.07
C GLY B 212 -8.52 -43.23 1.11
N LYS B 213 -7.92 -42.14 0.64
CA LYS B 213 -7.50 -41.10 1.57
C LYS B 213 -8.78 -40.36 2.01
N GLU B 214 -8.80 -39.87 3.25
CA GLU B 214 -9.97 -39.19 3.81
C GLU B 214 -9.73 -37.75 4.20
N TYR B 215 -8.51 -37.43 4.66
CA TYR B 215 -8.20 -36.09 5.13
C TYR B 215 -6.92 -35.53 4.49
N VAL B 216 -6.89 -34.22 4.40
CA VAL B 216 -5.63 -33.53 4.09
C VAL B 216 -5.26 -32.61 5.25
N PHE B 217 -4.00 -32.70 5.60
CA PHE B 217 -3.37 -31.79 6.57
C PHE B 217 -2.57 -30.73 5.80
N VAL B 218 -3.05 -29.49 5.86
CA VAL B 218 -2.56 -28.32 5.12
C VAL B 218 -1.77 -27.42 6.07
N ALA B 219 -0.56 -26.99 5.69
CA ALA B 219 0.17 -26.02 6.52
C ALA B 219 1.13 -25.25 5.65
N ASN B 220 1.68 -24.16 6.19
CA ASN B 220 2.68 -23.36 5.47
C ASN B 220 3.94 -24.20 5.21
N SER B 221 4.56 -24.06 4.03
CA SER B 221 5.76 -24.85 3.73
C SER B 221 6.98 -24.39 4.57
N ASP B 222 6.83 -23.29 5.30
CA ASP B 222 7.91 -22.76 6.16
C ASP B 222 7.70 -23.02 7.66
N ASN B 223 6.65 -23.78 8.04
CA ASN B 223 6.32 -24.01 9.45
C ASN B 223 6.82 -25.40 9.88
N LEU B 224 7.99 -25.44 10.52
CA LEU B 224 8.58 -26.73 10.95
C LEU B 224 7.81 -27.31 12.15
N GLY B 225 6.92 -26.51 12.72
CA GLY B 225 6.10 -27.00 13.85
C GLY B 225 4.91 -27.84 13.49
N ALA B 226 4.48 -27.73 12.22
CA ALA B 226 3.27 -28.38 11.77
C ALA B 226 3.58 -29.86 11.39
N ILE B 227 3.74 -30.73 12.40
CA ILE B 227 4.17 -32.10 12.15
C ILE B 227 2.89 -32.93 12.23
N VAL B 228 2.89 -34.08 11.58
CA VAL B 228 1.68 -34.90 11.54
C VAL B 228 1.33 -35.27 12.98
N ASP B 229 0.05 -35.08 13.34
CA ASP B 229 -0.40 -35.40 14.69
C ASP B 229 -1.65 -36.29 14.56
N LEU B 230 -1.45 -37.56 14.84
CA LEU B 230 -2.55 -38.54 14.73
C LEU B 230 -3.65 -38.43 15.81
N THR B 231 -3.37 -37.76 16.93
CA THR B 231 -4.40 -37.50 17.95
C THR B 231 -5.49 -36.63 17.33
N ILE B 232 -5.03 -35.66 16.54
CA ILE B 232 -5.91 -34.69 15.92
C ILE B 232 -6.69 -35.46 14.90
N LEU B 233 -6.01 -36.20 14.03
CA LEU B 233 -6.72 -36.96 12.97
C LEU B 233 -7.73 -37.97 13.52
N LYS B 234 -7.33 -38.72 14.55
CA LYS B 234 -8.18 -39.67 15.23
C LYS B 234 -9.46 -38.96 15.68
N HIS B 235 -9.36 -37.76 16.25
CA HIS B 235 -10.55 -37.07 16.73
C HIS B 235 -11.53 -36.79 15.59
N LEU B 236 -11.03 -36.30 14.46
CA LEU B 236 -11.83 -35.82 13.34
C LEU B 236 -12.62 -36.99 12.77
N ILE B 237 -11.95 -38.13 12.67
CA ILE B 237 -12.63 -39.35 12.18
C ILE B 237 -13.68 -39.85 13.15
N GLN B 238 -13.33 -39.94 14.45
CA GLN B 238 -14.26 -40.46 15.47
C GLN B 238 -15.50 -39.58 15.65
N ASN B 239 -15.33 -38.29 15.37
CA ASN B 239 -16.41 -37.31 15.55
C ASN B 239 -16.99 -36.75 14.27
N LYS B 240 -16.51 -37.24 13.13
CA LYS B 240 -17.00 -36.76 11.80
C LYS B 240 -16.91 -35.21 11.68
N ASN B 241 -15.73 -34.68 12.02
CA ASN B 241 -15.46 -33.24 11.83
C ASN B 241 -14.94 -33.04 10.44
N GLU B 242 -15.64 -32.27 9.60
CA GLU B 242 -15.19 -32.11 8.20
C GLU B 242 -14.01 -31.14 8.07
N TYR B 243 -13.76 -30.37 9.13
CA TYR B 243 -12.71 -29.33 9.11
C TYR B 243 -12.29 -29.08 10.52
N CYS B 244 -10.99 -28.96 10.75
CA CYS B 244 -10.46 -28.56 12.05
C CYS B 244 -9.31 -27.61 11.82
N MET B 245 -9.41 -26.42 12.42
CA MET B 245 -8.34 -25.42 12.37
C MET B 245 -7.58 -25.50 13.68
N GLU B 246 -6.25 -25.70 13.60
CA GLU B 246 -5.46 -25.60 14.82
C GLU B 246 -5.34 -24.08 15.15
N VAL B 247 -5.70 -23.72 16.39
CA VAL B 247 -5.54 -22.38 16.89
C VAL B 247 -4.63 -22.48 18.08
N THR B 248 -4.11 -21.33 18.49
CA THR B 248 -3.16 -21.30 19.58
C THR B 248 -3.41 -20.02 20.36
N PRO B 249 -3.07 -19.99 21.65
CA PRO B 249 -3.39 -18.76 22.42
C PRO B 249 -2.79 -17.45 21.87
N LYS B 250 -3.62 -16.41 21.79
CA LYS B 250 -3.14 -15.09 21.47
C LYS B 250 -2.23 -14.56 22.59
N THR B 251 -1.04 -14.10 22.21
CA THR B 251 -0.16 -13.37 23.12
C THR B 251 -0.17 -11.92 22.65
N ALA B 253 1.20 -9.60 21.34
CA ALA B 253 1.87 -9.89 20.06
C ALA B 253 0.95 -10.44 18.97
N ASP B 254 -0.16 -11.10 19.35
CA ASP B 254 -1.06 -11.73 18.37
C ASP B 254 -2.46 -11.10 18.35
N VAL B 255 -2.56 -9.88 18.89
CA VAL B 255 -3.84 -9.16 19.04
C VAL B 255 -4.62 -8.99 17.74
N LYS B 256 -3.91 -8.85 16.62
CA LYS B 256 -4.56 -8.65 15.33
C LYS B 256 -4.79 -9.97 14.56
N GLY B 257 -4.29 -11.09 15.08
CA GLY B 257 -4.45 -12.40 14.41
C GLY B 257 -5.89 -12.81 14.21
N GLY B 258 -6.17 -13.53 13.12
CA GLY B 258 -7.51 -14.08 12.79
C GLY B 258 -7.99 -15.05 13.86
N THR B 259 -9.20 -14.82 14.38
CA THR B 259 -9.71 -15.60 15.51
C THR B 259 -10.90 -16.47 15.09
N LEU B 260 -11.24 -17.47 15.92
CA LEU B 260 -12.44 -18.27 15.67
C LEU B 260 -13.54 -17.87 16.60
N ILE B 261 -14.69 -17.56 16.01
CA ILE B 261 -15.86 -17.19 16.77
C ILE B 261 -17.00 -18.16 16.49
N SER B 262 -18.00 -18.14 17.36
CA SER B 262 -19.24 -18.84 17.05
C SER B 262 -20.23 -17.81 16.54
N TYR B 263 -20.84 -18.10 15.40
CA TYR B 263 -21.78 -17.18 14.80
C TYR B 263 -22.91 -17.95 14.11
N GLU B 264 -24.15 -17.68 14.54
CA GLU B 264 -25.34 -18.40 14.02
C GLU B 264 -25.16 -19.93 14.06
N GLY B 265 -24.59 -20.40 15.17
CA GLY B 265 -24.46 -21.80 15.46
C GLY B 265 -23.29 -22.52 14.81
N LYS B 266 -22.46 -21.79 14.06
CA LYS B 266 -21.34 -22.38 13.35
C LYS B 266 -20.04 -21.64 13.72
N VAL B 267 -18.93 -22.38 13.79
CA VAL B 267 -17.61 -21.78 14.01
C VAL B 267 -17.14 -21.06 12.70
N GLN B 268 -16.47 -19.90 12.84
CA GLN B 268 -15.99 -19.19 11.66
C GLN B 268 -14.81 -18.28 11.95
N LEU B 269 -14.04 -18.01 10.92
CA LEU B 269 -12.87 -17.15 11.06
C LEU B 269 -13.34 -15.71 11.07
N LEU B 270 -12.82 -14.92 11.98
CA LEU B 270 -13.08 -13.47 11.97
C LEU B 270 -11.74 -12.75 11.89
N GLU B 271 -11.59 -11.99 10.80
CA GLU B 271 -10.43 -11.12 10.53
C GLU B 271 -10.80 -9.66 10.78
N ILE B 272 -9.81 -8.85 11.13
CA ILE B 272 -10.03 -7.44 11.39
C ILE B 272 -10.61 -6.65 10.21
N ALA B 273 -10.23 -7.00 8.98
CA ALA B 273 -10.85 -6.39 7.80
C ALA B 273 -12.39 -6.39 7.83
N GLN B 274 -12.96 -7.36 8.56
CA GLN B 274 -14.41 -7.50 8.70
C GLN B 274 -14.94 -6.96 10.03
N VAL B 275 -14.08 -6.28 10.78
CA VAL B 275 -14.50 -5.71 12.05
C VAL B 275 -14.68 -4.20 11.87
N PRO B 276 -15.92 -3.70 12.12
CA PRO B 276 -16.24 -2.27 12.03
C PRO B 276 -15.31 -1.43 12.88
N ASP B 277 -15.14 -0.15 12.52
CA ASP B 277 -14.22 0.73 13.23
C ASP B 277 -14.44 0.80 14.74
N GLU B 278 -15.71 0.87 15.16
CA GLU B 278 -16.06 1.01 16.57
C GLU B 278 -15.75 -0.23 17.42
N HIS B 279 -15.46 -1.35 16.75
CA HIS B 279 -15.23 -2.61 17.43
C HIS B 279 -13.79 -3.10 17.29
N VAL B 280 -12.99 -2.38 16.51
CA VAL B 280 -11.60 -2.76 16.27
C VAL B 280 -10.82 -2.93 17.60
N ASN B 281 -11.13 -2.08 18.58
CA ASN B 281 -10.52 -2.21 19.90
C ASN B 281 -10.87 -3.49 20.66
N GLU B 282 -12.15 -3.86 20.72
CA GLU B 282 -12.55 -5.09 21.43
C GLU B 282 -11.96 -6.36 20.78
N PHE B 283 -11.88 -6.35 19.44
CA PHE B 283 -11.27 -7.44 18.67
C PHE B 283 -9.78 -7.69 19.00
N LYS B 284 -9.07 -6.63 19.40
CA LYS B 284 -7.64 -6.71 19.69
C LYS B 284 -7.32 -6.95 21.17
N SER B 285 -8.35 -7.25 21.96
CA SER B 285 -8.20 -7.66 23.36
C SER B 285 -7.90 -9.14 23.43
N ILE B 286 -6.76 -9.50 24.03
CA ILE B 286 -6.40 -10.93 24.17
C ILE B 286 -7.20 -11.64 25.28
N GLU B 287 -8.02 -10.86 25.98
CA GLU B 287 -8.85 -11.38 27.05
C GLU B 287 -10.19 -11.83 26.50
N LYS B 288 -10.65 -11.11 25.46
CA LYS B 288 -11.97 -11.28 24.85
C LYS B 288 -11.94 -12.32 23.71
N PHE B 289 -10.91 -12.22 22.87
CA PHE B 289 -10.64 -13.19 21.84
C PHE B 289 -9.28 -13.76 22.17
N LYS B 290 -9.27 -15.00 22.63
CA LYS B 290 -8.09 -15.60 23.25
C LYS B 290 -7.26 -16.50 22.31
N ILE B 291 -7.69 -16.68 21.06
CA ILE B 291 -7.10 -17.66 20.17
C ILE B 291 -6.89 -17.09 18.78
N PHE B 292 -5.92 -17.62 18.06
CA PHE B 292 -5.80 -17.23 16.65
C PHE B 292 -5.35 -18.39 15.78
N ASN B 293 -5.62 -18.23 14.48
CA ASN B 293 -5.45 -19.25 13.48
C ASN B 293 -3.97 -19.46 13.18
N THR B 294 -3.49 -20.70 13.30
CA THR B 294 -2.10 -21.06 13.03
C THR B 294 -1.80 -21.35 11.54
N ASN B 295 -2.88 -21.51 10.75
CA ASN B 295 -2.84 -21.93 9.35
C ASN B 295 -2.42 -23.40 9.21
N ASN B 296 -2.54 -24.15 10.32
CA ASN B 296 -2.46 -25.63 10.31
C ASN B 296 -3.89 -26.16 10.28
N LEU B 297 -4.30 -26.73 9.14
CA LEU B 297 -5.71 -27.00 8.93
C LEU B 297 -5.91 -28.48 8.45
N TRP B 298 -6.96 -29.12 8.95
CA TRP B 298 -7.21 -30.54 8.67
C TRP B 298 -8.59 -30.56 8.01
N VAL B 299 -8.69 -31.10 6.80
CA VAL B 299 -9.92 -30.96 6.07
C VAL B 299 -10.29 -32.28 5.38
N ASN B 300 -11.55 -32.65 5.52
CA ASN B 300 -12.12 -33.84 4.87
C ASN B 300 -12.17 -33.70 3.35
N LEU B 301 -11.57 -34.69 2.67
CA LEU B 301 -11.43 -34.67 1.22
C LEU B 301 -12.76 -34.77 0.49
N LYS B 302 -13.65 -35.64 0.95
CA LYS B 302 -14.97 -35.78 0.33
C LYS B 302 -15.77 -34.48 0.43
N ALA B 303 -15.65 -33.82 1.59
CA ALA B 303 -16.28 -32.52 1.83
C ALA B 303 -15.74 -31.44 0.90
N ILE B 304 -14.41 -31.40 0.72
CA ILE B 304 -13.82 -30.48 -0.27
C ILE B 304 -14.42 -30.66 -1.64
N LYS B 305 -14.50 -31.91 -2.07
CA LYS B 305 -14.94 -32.26 -3.42
C LYS B 305 -16.37 -31.74 -3.54
N LYS B 306 -17.24 -32.12 -2.61
CA LYS B 306 -18.63 -31.67 -2.64
C LYS B 306 -18.81 -30.15 -2.70
N LEU B 307 -18.09 -29.42 -1.83
CA LEU B 307 -18.32 -27.98 -1.70
C LEU B 307 -17.70 -27.17 -2.85
N VAL B 308 -16.55 -27.62 -3.34
CA VAL B 308 -15.94 -26.99 -4.56
C VAL B 308 -16.82 -27.24 -5.81
N GLU B 309 -17.21 -28.49 -6.03
CA GLU B 309 -18.01 -28.81 -7.22
C GLU B 309 -19.37 -28.10 -7.24
N ALA B 310 -19.91 -27.89 -6.07
CA ALA B 310 -21.14 -27.16 -5.91
C ALA B 310 -20.97 -25.63 -5.81
N ASP B 311 -19.73 -25.13 -5.95
CA ASP B 311 -19.41 -23.69 -5.93
C ASP B 311 -19.83 -23.04 -4.62
N ALA B 312 -19.59 -23.75 -3.51
CA ALA B 312 -20.12 -23.29 -2.20
C ALA B 312 -19.14 -22.51 -1.33
N LEU B 313 -17.86 -22.56 -1.67
CA LEU B 313 -16.84 -21.90 -0.87
C LEU B 313 -16.76 -20.41 -1.25
N LYS B 314 -17.47 -19.57 -0.50
CA LYS B 314 -17.51 -18.14 -0.75
C LYS B 314 -16.80 -17.34 0.35
N MET B 315 -15.50 -17.59 0.48
CA MET B 315 -14.67 -16.88 1.46
C MET B 315 -14.66 -15.37 1.24
N GLU B 316 -14.44 -14.63 2.31
CA GLU B 316 -14.24 -13.16 2.22
C GLU B 316 -13.15 -12.83 1.18
N ILE B 317 -13.41 -11.84 0.32
CA ILE B 317 -12.43 -11.41 -0.67
C ILE B 317 -11.43 -10.50 0.03
N ILE B 318 -10.15 -10.80 -0.11
CA ILE B 318 -9.10 -9.93 0.38
C ILE B 318 -8.53 -9.21 -0.85
N PRO B 319 -8.81 -7.87 -0.98
CA PRO B 319 -8.34 -7.14 -2.19
C PRO B 319 -6.82 -7.09 -2.39
N ASN B 320 -6.06 -7.06 -1.30
CA ASN B 320 -4.60 -7.10 -1.37
C ASN B 320 -3.98 -6.16 -2.44
N PRO B 321 -4.25 -4.85 -2.32
CA PRO B 321 -3.69 -3.87 -3.26
C PRO B 321 -2.19 -3.75 -3.15
N LYS B 322 -1.56 -3.59 -4.32
CA LYS B 322 -0.14 -3.47 -4.47
C LYS B 322 0.08 -2.38 -5.51
N GLU B 323 1.20 -1.68 -5.41
CA GLU B 323 1.65 -0.79 -6.46
C GLU B 323 2.82 -1.50 -7.13
N VAL B 324 2.65 -1.75 -8.43
CA VAL B 324 3.65 -2.40 -9.26
C VAL B 324 3.92 -1.50 -10.47
N ASP B 325 5.18 -1.12 -10.65
CA ASP B 325 5.62 -0.27 -11.78
C ASP B 325 4.79 1.01 -11.96
N GLY B 326 4.43 1.63 -10.85
CA GLY B 326 3.59 2.82 -10.87
C GLY B 326 2.11 2.53 -11.02
N VAL B 327 1.79 1.27 -11.30
CA VAL B 327 0.41 0.85 -11.51
C VAL B 327 -0.11 0.27 -10.20
N LYS B 328 -1.21 0.87 -9.71
CA LYS B 328 -1.91 0.38 -8.53
C LYS B 328 -2.87 -0.71 -8.99
N VAL B 329 -2.58 -1.92 -8.52
CA VAL B 329 -3.30 -3.14 -8.90
C VAL B 329 -4.09 -3.71 -7.73
N LEU B 330 -5.12 -4.49 -8.05
CA LEU B 330 -5.83 -5.28 -7.06
C LEU B 330 -5.47 -6.72 -7.30
N GLN B 331 -5.32 -7.46 -6.21
CA GLN B 331 -4.96 -8.87 -6.30
C GLN B 331 -5.96 -9.69 -5.51
N LEU B 332 -7.17 -9.88 -6.05
CA LEU B 332 -8.27 -10.45 -5.26
C LEU B 332 -7.94 -11.90 -4.83
N GLU B 333 -7.93 -12.13 -3.53
CA GLU B 333 -7.53 -13.44 -3.01
C GLU B 333 -8.46 -13.89 -1.89
N THR B 334 -8.32 -15.14 -1.46
CA THR B 334 -9.03 -15.63 -0.26
C THR B 334 -8.06 -16.42 0.61
N ALA B 335 -8.47 -16.64 1.87
CA ALA B 335 -7.71 -17.39 2.87
C ALA B 335 -8.24 -18.82 3.10
N ALA B 336 -7.34 -19.81 3.20
CA ALA B 336 -7.80 -21.19 3.44
C ALA B 336 -8.62 -21.35 4.75
N GLY B 337 -8.20 -20.68 5.82
CA GLY B 337 -8.89 -20.79 7.11
C GLY B 337 -10.31 -20.23 7.11
N ALA B 338 -10.58 -19.27 6.23
CA ALA B 338 -11.89 -18.64 6.11
C ALA B 338 -12.94 -19.63 5.58
N ALA B 339 -12.48 -20.71 4.95
CA ALA B 339 -13.41 -21.72 4.38
C ALA B 339 -14.12 -22.55 5.46
N ILE B 340 -13.68 -22.42 6.72
CA ILE B 340 -14.24 -23.27 7.80
C ILE B 340 -15.77 -23.16 7.99
N ARG B 341 -16.31 -21.97 7.74
CA ARG B 341 -17.72 -21.64 7.87
C ARG B 341 -18.62 -22.51 6.98
N PHE B 342 -18.04 -23.06 5.91
CA PHE B 342 -18.81 -23.83 4.93
C PHE B 342 -18.89 -25.33 5.14
N PHE B 343 -18.06 -25.84 6.07
CA PHE B 343 -17.92 -27.29 6.31
C PHE B 343 -18.83 -27.73 7.49
N ASP B 344 -19.19 -29.00 7.50
CA ASP B 344 -20.08 -29.51 8.55
C ASP B 344 -19.32 -29.96 9.79
N ASN B 345 -19.89 -29.69 10.94
CA ASN B 345 -19.29 -30.14 12.22
C ASN B 345 -17.80 -29.73 12.35
N ALA B 346 -17.54 -28.49 12.00
CA ALA B 346 -16.19 -27.94 12.08
C ALA B 346 -15.84 -27.58 13.54
N ILE B 347 -14.55 -27.62 13.85
CA ILE B 347 -14.03 -27.31 15.19
C ILE B 347 -12.71 -26.58 15.06
N GLY B 348 -12.27 -25.99 16.17
CA GLY B 348 -10.87 -25.63 16.26
C GLY B 348 -10.29 -26.60 17.25
N VAL B 349 -8.96 -26.73 17.23
CA VAL B 349 -8.29 -27.39 18.30
C VAL B 349 -7.26 -26.41 18.83
N ASN B 350 -7.26 -26.24 20.14
CA ASN B 350 -6.28 -25.37 20.75
C ASN B 350 -4.95 -26.11 21.05
N VAL B 351 -3.88 -25.71 20.35
CA VAL B 351 -2.59 -26.40 20.40
C VAL B 351 -1.51 -25.47 21.00
N PRO B 352 -0.40 -26.05 21.51
CA PRO B 352 0.78 -25.30 21.99
C PRO B 352 1.40 -24.54 20.82
N ARG B 353 2.06 -23.43 21.14
CA ARG B 353 2.66 -22.56 20.13
C ARG B 353 3.81 -23.22 19.41
N SER B 354 4.30 -24.33 19.93
CA SER B 354 5.37 -24.99 19.22
C SER B 354 4.94 -25.50 17.83
N ARG B 355 3.62 -25.63 17.61
CA ARG B 355 3.12 -26.09 16.30
C ARG B 355 3.00 -24.90 15.34
N PHE B 356 3.38 -23.71 15.82
CA PHE B 356 3.28 -22.44 15.10
C PHE B 356 4.61 -21.70 14.98
N LEU B 357 5.40 -22.12 14.01
CA LEU B 357 6.74 -21.52 13.81
C LEU B 357 6.94 -21.07 12.41
N PRO B 358 5.97 -20.35 11.84
CA PRO B 358 6.24 -19.98 10.46
C PRO B 358 7.35 -18.92 10.36
N VAL B 359 8.02 -18.86 9.23
CA VAL B 359 9.11 -17.90 9.07
C VAL B 359 8.57 -16.64 8.40
N LYS B 360 8.20 -15.71 9.23
CA LYS B 360 7.65 -14.49 8.68
C LYS B 360 8.74 -13.47 8.43
N ALA B 361 9.71 -13.40 9.36
CA ALA B 361 10.85 -12.47 9.21
C ALA B 361 12.18 -13.22 9.41
N SER B 362 13.35 -12.62 9.12
CA SER B 362 14.64 -13.32 9.30
CA SER B 362 14.64 -13.32 9.30
C SER B 362 14.91 -13.70 10.77
N SER B 363 14.33 -12.93 11.69
CA SER B 363 14.43 -13.25 13.14
C SER B 363 13.75 -14.61 13.49
N ASP B 364 12.66 -14.94 12.78
CA ASP B 364 11.99 -16.29 12.89
C ASP B 364 12.84 -17.39 12.30
N LEU B 365 13.56 -17.06 11.23
CA LEU B 365 14.54 -17.95 10.66
C LEU B 365 15.65 -18.21 11.66
N LEU B 366 16.18 -17.15 12.28
CA LEU B 366 17.23 -17.27 13.32
C LEU B 366 16.80 -18.29 14.42
N LEU B 367 15.56 -18.20 14.90
CA LEU B 367 15.09 -19.12 15.96
C LEU B 367 15.13 -20.58 15.54
N VAL B 368 14.66 -20.89 14.32
CA VAL B 368 14.64 -22.31 13.87
C VAL B 368 16.03 -22.78 13.44
N GLN B 369 16.93 -21.85 13.10
CA GLN B 369 18.31 -22.19 12.78
C GLN B 369 19.18 -22.40 14.00
N SER B 370 18.63 -22.07 15.17
CA SER B 370 19.44 -21.94 16.39
C SER B 370 19.49 -23.20 17.24
N ASP B 371 20.28 -23.10 18.29
CA ASP B 371 20.37 -24.16 19.31
C ASP B 371 19.20 -24.24 20.25
N LEU B 372 18.15 -23.42 20.03
CA LEU B 372 16.85 -23.74 20.67
C LEU B 372 16.34 -25.12 20.24
N TYR B 373 16.82 -25.55 19.06
CA TYR B 373 16.43 -26.82 18.46
C TYR B 373 17.63 -27.75 18.21
N THR B 374 17.35 -29.05 18.27
CA THR B 374 18.32 -30.09 18.00
C THR B 374 18.01 -30.72 16.64
N LEU B 375 19.07 -31.11 15.92
CA LEU B 375 18.93 -31.85 14.67
C LEU B 375 19.84 -33.07 14.71
N VAL B 376 19.25 -34.24 14.56
CA VAL B 376 20.05 -35.50 14.53
C VAL B 376 19.68 -36.23 13.22
N ASP B 377 20.57 -36.23 12.22
CA ASP B 377 20.28 -36.99 10.98
C ASP B 377 18.90 -36.63 10.43
N GLY B 378 18.62 -35.33 10.35
CA GLY B 378 17.39 -34.85 9.73
C GLY B 378 16.19 -34.73 10.65
N PHE B 379 16.27 -35.33 11.83
CA PHE B 379 15.18 -35.26 12.85
C PHE B 379 15.28 -34.03 13.72
N VAL B 380 14.23 -33.18 13.67
CA VAL B 380 14.18 -31.97 14.47
C VAL B 380 13.47 -32.22 15.81
N THR B 381 14.16 -31.91 16.90
CA THR B 381 13.54 -31.81 18.23
C THR B 381 13.84 -30.47 18.93
N ARG B 382 13.11 -30.21 20.01
CA ARG B 382 13.46 -29.11 20.93
C ARG B 382 14.74 -29.50 21.67
N ASN B 383 15.65 -28.56 21.85
CA ASN B 383 16.89 -28.87 22.51
C ASN B 383 16.53 -29.20 23.98
N LYS B 384 16.93 -30.36 24.43
CA LYS B 384 16.61 -30.80 25.82
C LYS B 384 17.12 -29.76 26.85
N ALA B 385 18.17 -29.01 26.51
CA ALA B 385 18.71 -28.02 27.45
C ALA B 385 17.74 -26.84 27.61
N ARG B 386 16.84 -26.68 26.65
CA ARG B 386 15.83 -25.60 26.67
C ARG B 386 14.54 -26.14 27.27
N THR B 387 14.39 -25.96 28.59
CA THR B 387 13.19 -26.43 29.29
C THR B 387 12.05 -25.37 29.34
N ASN B 388 12.38 -24.17 28.90
CA ASN B 388 11.37 -23.10 28.75
C ASN B 388 10.79 -23.19 27.37
N PRO B 389 9.49 -23.56 27.23
CA PRO B 389 9.00 -23.76 25.85
C PRO B 389 8.72 -22.45 25.09
N SER B 390 8.78 -21.32 25.78
CA SER B 390 8.70 -19.99 25.16
C SER B 390 9.97 -19.79 24.31
N ASN B 391 9.88 -19.13 23.16
CA ASN B 391 11.07 -18.71 22.44
C ASN B 391 11.44 -17.27 22.82
N PRO B 392 12.74 -16.95 22.85
CA PRO B 392 13.20 -15.58 23.11
C PRO B 392 12.66 -14.65 22.02
N SER B 393 12.31 -13.44 22.42
CA SER B 393 11.89 -12.38 21.50
C SER B 393 13.11 -11.95 20.65
N ILE B 394 13.01 -11.96 19.33
CA ILE B 394 14.15 -11.49 18.54
C ILE B 394 13.69 -10.40 17.58
N GLU B 395 14.34 -9.23 17.66
CA GLU B 395 13.97 -8.10 16.77
C GLU B 395 15.23 -7.58 16.10
N LEU B 396 15.26 -7.62 14.80
CA LEU B 396 16.44 -7.18 14.05
C LEU B 396 16.05 -6.02 13.12
N GLY B 397 16.93 -5.03 12.94
CA GLY B 397 16.64 -3.90 12.05
C GLY B 397 16.66 -4.26 10.56
N PRO B 398 16.34 -3.29 9.70
CA PRO B 398 16.21 -3.57 8.27
C PRO B 398 17.47 -4.14 7.57
N GLU B 399 18.66 -3.92 8.15
CA GLU B 399 19.92 -4.51 7.64
C GLU B 399 19.86 -6.03 7.52
N PHE B 400 18.97 -6.66 8.29
CA PHE B 400 18.83 -8.13 8.36
C PHE B 400 17.60 -8.61 7.60
N LYS B 401 16.92 -7.73 6.87
CA LYS B 401 15.59 -8.05 6.33
C LYS B 401 15.66 -9.17 5.29
N LYS B 402 16.59 -9.06 4.35
CA LYS B 402 16.77 -10.08 3.32
C LYS B 402 17.58 -11.23 3.84
N VAL B 403 17.23 -12.46 3.44
CA VAL B 403 18.02 -13.64 3.83
C VAL B 403 19.52 -13.47 3.58
N ALA B 404 19.89 -12.99 2.40
CA ALA B 404 21.30 -12.86 2.09
C ALA B 404 22.06 -12.00 3.10
N THR B 405 21.52 -10.84 3.43
CA THR B 405 22.23 -9.94 4.36
C THR B 405 22.17 -10.47 5.80
N PHE B 406 21.01 -11.02 6.19
CA PHE B 406 20.87 -11.72 7.49
C PHE B 406 22.00 -12.77 7.67
N LEU B 407 22.11 -13.68 6.72
CA LEU B 407 23.16 -14.73 6.74
C LEU B 407 24.56 -14.13 6.87
N SER B 408 24.86 -13.14 6.04
CA SER B 408 26.19 -12.52 6.06
C SER B 408 26.50 -11.89 7.43
N ARG B 409 25.49 -11.40 8.15
CA ARG B 409 25.74 -10.64 9.40
C ARG B 409 25.92 -11.51 10.60
N PHE B 410 25.65 -12.80 10.48
CA PHE B 410 26.05 -13.74 11.54
C PHE B 410 27.13 -14.69 11.03
N LYS B 411 28.36 -14.45 11.46
CA LYS B 411 29.46 -15.20 10.88
C LYS B 411 29.27 -16.68 11.17
N SER B 412 28.80 -17.00 12.39
CA SER B 412 28.15 -18.25 12.67
C SER B 412 26.88 -17.89 13.43
N ILE B 413 25.93 -18.81 13.44
CA ILE B 413 24.69 -18.58 14.16
C ILE B 413 25.01 -18.60 15.69
N PRO B 414 24.70 -17.52 16.43
CA PRO B 414 25.08 -17.47 17.83
C PRO B 414 24.22 -18.38 18.69
N SER B 415 24.76 -18.85 19.81
CA SER B 415 23.99 -19.60 20.78
C SER B 415 22.99 -18.69 21.47
N ILE B 416 21.74 -19.15 21.54
CA ILE B 416 20.65 -18.35 22.10
C ILE B 416 19.75 -19.23 23.00
N VAL B 417 20.21 -20.45 23.24
CA VAL B 417 19.48 -21.38 24.14
C VAL B 417 19.24 -20.77 25.54
N GLU B 418 20.13 -19.88 26.00
CA GLU B 418 19.91 -19.12 27.26
C GLU B 418 19.43 -17.66 27.12
N LEU B 419 18.95 -17.31 25.94
CA LEU B 419 18.48 -15.97 25.63
C LEU B 419 17.04 -15.78 26.02
N ASP B 420 16.73 -14.56 26.49
CA ASP B 420 15.33 -14.15 26.76
C ASP B 420 14.82 -13.18 25.70
N SER B 421 15.68 -12.25 25.29
CA SER B 421 15.30 -11.28 24.26
C SER B 421 16.54 -10.67 23.62
N LEU B 422 16.44 -10.40 22.32
CA LEU B 422 17.46 -9.68 21.60
C LEU B 422 16.78 -8.60 20.72
N LYS B 423 17.29 -7.37 20.78
CA LYS B 423 16.94 -6.34 19.79
C LYS B 423 18.23 -5.79 19.19
N VAL B 424 18.28 -5.74 17.86
CA VAL B 424 19.41 -5.20 17.14
C VAL B 424 18.94 -4.07 16.22
N SER B 425 19.67 -2.93 16.25
CA SER B 425 19.37 -1.85 15.33
C SER B 425 20.66 -1.18 14.86
N GLY B 426 20.62 -0.56 13.70
CA GLY B 426 21.80 0.02 13.09
C GLY B 426 22.68 -1.01 12.46
N ASP B 427 23.85 -0.56 12.02
CA ASP B 427 24.76 -1.36 11.22
C ASP B 427 25.59 -2.31 12.09
N VAL B 428 25.01 -3.47 12.42
CA VAL B 428 25.64 -4.37 13.38
C VAL B 428 26.01 -5.68 12.70
N TRP B 429 27.21 -6.15 13.00
CA TRP B 429 27.72 -7.39 12.44
C TRP B 429 28.08 -8.30 13.57
N PHE B 430 27.87 -9.62 13.41
CA PHE B 430 28.28 -10.57 14.46
C PHE B 430 29.40 -11.50 13.95
N GLY B 431 30.43 -11.70 14.78
CA GLY B 431 31.45 -12.74 14.58
C GLY B 431 30.96 -14.17 14.80
N SER B 432 31.90 -15.12 14.90
CA SER B 432 31.57 -16.51 15.05
C SER B 432 31.57 -16.91 16.52
N SER B 433 30.87 -17.99 16.85
CA SER B 433 30.91 -18.62 18.19
C SER B 433 30.46 -17.70 19.32
N ILE B 434 29.56 -16.78 19.03
CA ILE B 434 29.03 -15.86 20.04
C ILE B 434 27.96 -16.55 20.87
N VAL B 435 27.91 -16.20 22.14
CA VAL B 435 26.85 -16.68 23.04
C VAL B 435 26.05 -15.47 23.59
N LEU B 436 24.74 -15.54 23.47
CA LEU B 436 23.84 -14.47 23.93
C LEU B 436 22.95 -14.98 25.04
N LYS B 437 22.90 -14.28 26.16
CA LYS B 437 22.07 -14.73 27.29
C LYS B 437 21.26 -13.60 27.88
N GLY B 438 20.08 -13.94 28.39
CA GLY B 438 19.25 -12.99 29.11
C GLY B 438 18.74 -11.97 28.14
N LYS B 439 18.76 -10.70 28.52
CA LYS B 439 18.14 -9.65 27.75
C LYS B 439 19.24 -8.87 27.09
N VAL B 440 19.28 -8.89 25.76
CA VAL B 440 20.39 -8.24 25.06
C VAL B 440 19.91 -7.19 24.05
N THR B 441 20.53 -6.00 24.04
CA THR B 441 20.31 -5.07 22.92
C THR B 441 21.65 -4.67 22.30
N VAL B 442 21.64 -4.38 21.00
CA VAL B 442 22.81 -3.84 20.32
C VAL B 442 22.29 -2.76 19.41
N ALA B 443 22.71 -1.52 19.64
CA ALA B 443 22.20 -0.41 18.87
C ALA B 443 23.35 0.46 18.39
N ALA B 444 23.63 0.40 17.09
CA ALA B 444 24.68 1.21 16.47
C ALA B 444 24.03 2.52 16.06
N LYS B 445 24.64 3.64 16.47
CA LYS B 445 24.14 4.98 16.10
C LYS B 445 24.36 5.30 14.63
N SER B 446 23.76 6.39 14.16
CA SER B 446 23.89 6.82 12.78
C SER B 446 25.36 6.78 12.35
N GLY B 447 25.62 6.12 11.23
CA GLY B 447 26.95 6.06 10.63
C GLY B 447 27.97 5.15 11.30
N VAL B 448 27.57 4.46 12.36
CA VAL B 448 28.48 3.60 13.12
C VAL B 448 28.33 2.15 12.64
N LYS B 449 29.46 1.52 12.34
CA LYS B 449 29.49 0.08 12.11
C LYS B 449 29.98 -0.63 13.40
N LEU B 450 29.16 -1.51 13.97
CA LEU B 450 29.52 -2.27 15.20
C LEU B 450 29.69 -3.74 14.91
N GLU B 451 30.85 -4.28 15.28
CA GLU B 451 31.12 -5.69 15.05
C GLU B 451 31.31 -6.39 16.40
N ILE B 452 30.48 -7.39 16.68
CA ILE B 452 30.55 -8.16 17.92
C ILE B 452 31.65 -9.19 17.70
N PRO B 453 32.71 -9.13 18.52
CA PRO B 453 33.92 -9.97 18.31
C PRO B 453 33.65 -11.46 18.41
N ASP B 454 34.44 -12.27 17.68
CA ASP B 454 34.34 -13.72 17.76
C ASP B 454 34.40 -14.14 19.22
N ARG B 455 33.55 -15.10 19.58
CA ARG B 455 33.57 -15.74 20.91
C ARG B 455 33.06 -14.85 22.03
N ALA B 456 32.52 -13.69 21.70
CA ALA B 456 31.88 -12.84 22.70
C ALA B 456 30.77 -13.58 23.47
N VAL B 457 30.72 -13.40 24.77
CA VAL B 457 29.56 -13.87 25.51
C VAL B 457 28.84 -12.62 25.99
N VAL B 458 27.63 -12.39 25.49
CA VAL B 458 26.95 -11.15 25.82
C VAL B 458 25.73 -11.46 26.68
N GLU B 459 25.75 -11.02 27.93
CA GLU B 459 24.70 -11.43 28.89
C GLU B 459 24.10 -10.22 29.60
N ASN B 460 22.80 -9.98 29.41
CA ASN B 460 22.10 -8.88 30.09
C ASN B 460 22.81 -7.54 29.95
N LYS B 461 23.01 -7.15 28.69
CA LYS B 461 23.80 -5.98 28.35
C LYS B 461 23.12 -5.20 27.23
N ASN B 462 23.24 -3.88 27.29
CA ASN B 462 22.87 -2.98 26.20
C ASN B 462 24.14 -2.39 25.61
N ILE B 463 24.45 -2.79 24.38
CA ILE B 463 25.62 -2.32 23.66
C ILE B 463 25.18 -1.17 22.78
N ASN B 464 25.72 0.03 23.05
CA ASN B 464 25.27 1.24 22.34
C ASN B 464 26.38 1.86 21.49
N GLY B 465 27.52 1.19 21.39
CA GLY B 465 28.67 1.73 20.70
C GLY B 465 29.92 0.92 20.95
N PRO B 466 31.05 1.27 20.26
CA PRO B 466 32.30 0.49 20.32
C PRO B 466 32.80 0.39 21.76
N GLU B 467 32.54 1.46 22.53
CA GLU B 467 32.92 1.60 23.93
C GLU B 467 32.21 0.61 24.88
N ASP B 468 31.15 -0.03 24.39
CA ASP B 468 30.48 -1.12 25.11
C ASP B 468 31.12 -2.44 24.69
N LEU B 469 32.18 -2.28 23.90
CA LEU B 469 33.26 -3.26 23.70
C LEU B 469 32.79 -4.58 23.12
S DMS C . -9.70 24.31 -18.99
O DMS C . -8.13 23.66 -18.34
C1 DMS C . -9.49 26.04 -19.34
C2 DMS C . -9.80 23.75 -20.71
PA UTP D . -0.69 15.42 -5.01
O1A UTP D . 0.04 14.23 -4.42
O2A UTP D . -2.20 15.41 -5.14
O3A UTP D . -0.08 15.83 -6.44
O5' UTP D . -0.27 16.75 -4.24
PB UTP D . 1.00 15.01 -7.30
O1B UTP D . 2.31 14.97 -6.53
O2B UTP D . 0.90 15.74 -8.63
O3B UTP D . 0.25 13.57 -7.34
PG UTP D . 0.76 12.22 -8.07
O1G UTP D . 0.02 11.14 -7.31
O2G UTP D . 2.26 12.19 -7.85
O3G UTP D . 0.33 12.36 -9.52
C5' UTP D . -0.74 18.03 -4.68
C4' UTP D . 0.31 19.08 -4.29
O4' UTP D . 0.68 18.82 -2.93
C1' UTP D . 2.10 18.67 -2.86
C2' UTP D . 2.56 18.15 -4.21
O2' UTP D . 3.94 18.42 -4.53
C3' UTP D . 1.59 18.91 -5.13
O3' UTP D . 2.11 20.21 -5.51
N1 UTP D . 2.44 17.82 -1.72
C6 UTP D . 2.05 16.69 -1.39
C2 UTP D . 3.29 18.32 -0.79
O2 UTP D . 3.86 19.38 -1.01
N3 UTP D . 3.51 17.63 0.41
C4 UTP D . 2.91 16.48 0.74
O4 UTP D . 3.17 15.89 1.76
C5 UTP D . 2.05 16.17 -0.19
PA UTP E . 1.57 -15.50 3.55
O1A UTP E . 0.58 -14.88 2.62
O2A UTP E . 1.48 -15.33 5.07
O3A UTP E . 3.05 -15.07 3.06
O5' UTP E . 1.67 -17.07 3.20
PB UTP E . 4.37 -15.27 3.99
O1B UTP E . 5.51 -14.98 3.03
O2B UTP E . 4.39 -16.60 4.68
O3B UTP E . 4.25 -14.05 5.05
PG UTP E . 4.74 -12.51 4.75
O1G UTP E . 4.08 -12.10 3.44
O2G UTP E . 6.25 -12.56 4.69
O3G UTP E . 4.20 -11.76 5.96
C5' UTP E . 1.31 -18.13 4.08
C4' UTP E . 1.58 -19.43 3.33
O4' UTP E . 0.66 -19.51 2.21
C1' UTP E . 1.40 -19.71 1.01
C2' UTP E . 2.83 -19.19 1.24
O2' UTP E . 3.71 -20.02 0.51
C3' UTP E . 2.98 -19.48 2.74
O3' UTP E . 3.40 -20.85 2.93
N1 UTP E . 0.71 -19.05 -0.11
C6 UTP E . 0.35 -17.90 -0.25
C2 UTP E . 0.31 -19.78 -1.18
O2 UTP E . 0.56 -21.01 -1.25
N3 UTP E . -0.36 -19.13 -2.20
C4 UTP E . -0.65 -17.82 -2.23
O4 UTP E . -1.24 -17.31 -3.14
C5 UTP E . -0.17 -17.34 -1.15
#